data_6WQP
#
_entry.id   6WQP
#
_cell.length_a   49.980
_cell.length_b   85.850
_cell.length_c   87.200
_cell.angle_alpha   90.000
_cell.angle_beta   96.538
_cell.angle_gamma   90.000
#
_symmetry.space_group_name_H-M   'P 1 21 1'
#
loop_
_entity.id
_entity.type
_entity.pdbx_description
1 polymer Endoglucanase
2 non-polymer 1,2-ETHANEDIOL
3 non-polymer 'SODIUM ION'
4 non-polymer 'BICARBONATE ION'
5 water water
#
_entity_poly.entity_id   1
_entity_poly.type   'polypeptide(L)'
_entity_poly.pdbx_seq_one_letter_code
;SLELLEPPTQMRDLTASQLLDEITIGWNLGNTLDATTTSWLPNPTPAQSETAWGCPMTTKAMIDKVKEGGFNTVRVPVSW
IDHTGSAPEYQIDEAWMNRVQEVVNYVIDNDMYCILNIHHENDWLIPTNAQKDSVNARLDAIWTQIATRFGSYDEHLIFE
GMNQPRLVGDPNEWNGGNQEARQVINSYNQTFVNTVRATGGNNAIRCLMVPTYAASCSSTTVNDFVLPTDTVANKLIVDI
HSYSPYNFALNTSGTSSFTQSDISQLQWTLQEIYNSFGAKGIPVIIGQFGALNKNNINGRVLWGENYLRIAKSYNIRCIW
WDNNAFDTSGENFGLLNRGTLTWQYPELLEAMMK
;
_entity_poly.pdbx_strand_id   A,B
#
# COMPACT_ATOMS: atom_id res chain seq x y z
N PRO A 8 32.93 -0.84 -6.21
CA PRO A 8 31.56 -1.35 -6.02
C PRO A 8 31.47 -2.87 -6.15
N THR A 9 30.89 -3.50 -5.13
CA THR A 9 30.81 -4.95 -5.10
C THR A 9 29.62 -5.44 -5.92
N GLN A 10 29.73 -6.69 -6.38
CA GLN A 10 28.63 -7.32 -7.08
C GLN A 10 27.39 -7.38 -6.21
N MET A 11 26.24 -7.08 -6.81
CA MET A 11 24.98 -6.90 -6.09
C MET A 11 23.86 -7.62 -6.80
N ARG A 12 23.07 -8.37 -6.05
CA ARG A 12 21.82 -8.90 -6.55
C ARG A 12 20.77 -7.80 -6.60
N ASP A 13 19.87 -7.89 -7.58
CA ASP A 13 18.75 -6.97 -7.71
C ASP A 13 17.54 -7.64 -7.07
N LEU A 14 17.38 -7.44 -5.77
CA LEU A 14 16.36 -8.09 -4.98
C LEU A 14 15.22 -7.15 -4.67
N THR A 15 14.01 -7.69 -4.60
CA THR A 15 12.91 -6.91 -4.04
C THR A 15 13.05 -6.86 -2.52
N ALA A 16 12.40 -5.86 -1.92
CA ALA A 16 12.39 -5.74 -0.47
C ALA A 16 11.76 -6.97 0.18
N SER A 17 10.70 -7.51 -0.43
CA SER A 17 10.08 -8.71 0.12
C SER A 17 11.05 -9.89 0.08
N GLN A 18 11.80 -10.03 -1.02
CA GLN A 18 12.78 -11.11 -1.10
C GLN A 18 13.90 -10.92 -0.09
N LEU A 19 14.37 -9.69 0.08
CA LEU A 19 15.41 -9.43 1.07
C LEU A 19 14.91 -9.75 2.47
N LEU A 20 13.69 -9.31 2.81
CA LEU A 20 13.17 -9.56 4.15
C LEU A 20 12.96 -11.04 4.42
N ASP A 21 12.75 -11.86 3.38
CA ASP A 21 12.61 -13.30 3.59
C ASP A 21 13.95 -13.98 3.84
N GLU A 22 15.08 -13.32 3.54
CA GLU A 22 16.38 -13.86 3.89
C GLU A 22 16.80 -13.48 5.31
N ILE A 23 16.18 -12.46 5.89
CA ILE A 23 16.44 -12.15 7.29
C ILE A 23 15.81 -13.22 8.18
N THR A 24 16.50 -13.54 9.28
CA THR A 24 15.97 -14.46 10.28
C THR A 24 15.41 -13.65 11.44
N ILE A 25 16.29 -12.97 12.17
CA ILE A 25 15.90 -12.07 13.24
C ILE A 25 17.07 -11.12 13.44
N GLY A 26 16.76 -9.91 13.91
CA GLY A 26 17.75 -8.85 13.96
C GLY A 26 18.05 -8.31 15.35
N TRP A 27 19.18 -7.60 15.46
CA TRP A 27 19.75 -7.14 16.74
C TRP A 27 20.21 -5.69 16.54
N ASN A 28 19.77 -4.80 17.43
CA ASN A 28 20.22 -3.40 17.43
C ASN A 28 21.46 -3.24 18.30
N LEU A 29 22.50 -2.57 17.76
CA LEU A 29 23.67 -2.16 18.55
C LEU A 29 23.31 -0.85 19.25
N GLY A 30 22.57 -0.99 20.33
CA GLY A 30 21.94 0.15 20.98
C GLY A 30 22.81 0.88 21.98
N ASN A 31 22.50 2.17 22.14
CA ASN A 31 23.19 3.05 23.08
C ASN A 31 24.70 3.07 22.84
N THR A 32 25.08 3.09 21.56
CA THR A 32 26.46 3.02 21.13
C THR A 32 26.77 4.16 20.14
N LEU A 33 26.73 3.88 18.82
CA LEU A 33 26.99 4.98 17.90
C LEU A 33 25.83 5.98 17.88
N ASP A 34 24.69 5.62 18.45
CA ASP A 34 23.55 6.52 18.62
C ASP A 34 23.69 7.43 19.85
N ALA A 35 24.68 7.20 20.71
CA ALA A 35 24.83 8.03 21.90
C ALA A 35 25.18 9.47 21.51
N THR A 36 24.50 10.43 22.12
CA THR A 36 24.78 11.84 21.90
C THR A 36 25.35 12.45 23.17
N THR A 37 26.10 13.53 22.99
CA THR A 37 26.73 14.28 24.07
C THR A 37 26.46 15.77 23.93
N THR A 38 25.38 16.13 23.24
CA THR A 38 25.22 17.49 22.73
C THR A 38 25.26 18.52 23.84
N SER A 39 24.64 18.23 24.98
CA SER A 39 24.48 19.23 26.03
C SER A 39 25.74 19.43 26.87
N TRP A 40 26.76 18.57 26.72
CA TRP A 40 27.89 18.65 27.65
C TRP A 40 29.26 18.47 27.01
N LEU A 41 29.36 17.92 25.80
CA LEU A 41 30.66 17.76 25.15
C LEU A 41 30.46 18.05 23.66
N PRO A 42 30.75 19.26 23.21
CA PRO A 42 30.78 19.51 21.77
C PRO A 42 32.01 18.84 21.17
N ASN A 43 31.88 18.46 19.92
CA ASN A 43 33.00 17.90 19.15
C ASN A 43 33.63 16.70 19.85
N PRO A 44 32.81 15.70 20.24
CA PRO A 44 33.39 14.45 20.73
C PRO A 44 34.17 13.77 19.62
N THR A 45 35.25 13.09 20.00
CA THR A 45 35.90 12.15 19.09
C THR A 45 35.03 10.92 18.97
N PRO A 46 35.27 10.06 17.98
CA PRO A 46 34.40 8.87 17.86
C PRO A 46 34.33 8.05 19.13
N ALA A 47 35.47 7.80 19.80
CA ALA A 47 35.42 6.98 21.01
C ALA A 47 34.62 7.66 22.12
N GLN A 48 34.73 8.98 22.26
CA GLN A 48 34.01 9.66 23.33
C GLN A 48 32.51 9.51 23.15
N SER A 49 32.03 9.55 21.92
CA SER A 49 30.61 9.31 21.67
C SER A 49 30.24 7.85 21.93
N GLU A 50 30.99 6.93 21.31
CA GLU A 50 30.62 5.52 21.37
C GLU A 50 30.49 5.02 22.80
N THR A 51 31.30 5.55 23.71
CA THR A 51 31.33 5.10 25.10
C THR A 51 30.54 6.00 26.03
N ALA A 52 29.86 7.02 25.49
CA ALA A 52 29.30 8.09 26.32
C ALA A 52 28.15 7.60 27.20
N TRP A 53 27.43 6.57 26.77
CA TRP A 53 26.31 6.05 27.53
C TRP A 53 26.65 4.73 28.22
N GLY A 54 27.93 4.42 28.36
CA GLY A 54 28.38 3.34 29.20
C GLY A 54 28.79 2.08 28.47
N CYS A 55 28.49 1.94 27.18
CA CYS A 55 28.89 0.74 26.48
C CYS A 55 30.39 0.73 26.24
N PRO A 56 31.02 -0.45 26.27
CA PRO A 56 32.41 -0.56 25.85
C PRO A 56 32.53 -0.41 24.33
N MET A 57 33.71 -0.02 23.87
N MET A 57 33.72 -0.04 23.88
CA MET A 57 33.92 0.09 22.43
CA MET A 57 33.99 0.02 22.44
C MET A 57 33.57 -1.24 21.76
C MET A 57 33.55 -1.28 21.78
N THR A 58 32.89 -1.16 20.62
CA THR A 58 32.40 -2.34 19.91
C THR A 58 33.55 -3.09 19.25
N THR A 59 33.41 -4.43 19.19
CA THR A 59 34.40 -5.30 18.59
C THR A 59 33.74 -6.26 17.62
N LYS A 60 34.53 -6.82 16.70
CA LYS A 60 33.96 -7.84 15.82
C LYS A 60 33.53 -9.04 16.63
N ALA A 61 34.28 -9.39 17.67
CA ALA A 61 33.92 -10.51 18.52
C ALA A 61 32.51 -10.37 19.05
N MET A 62 32.06 -9.15 19.34
CA MET A 62 30.68 -8.94 19.78
C MET A 62 29.70 -9.38 18.71
N ILE A 63 29.92 -8.91 17.47
CA ILE A 63 29.01 -9.24 16.39
C ILE A 63 29.08 -10.73 16.07
N ASP A 64 30.29 -11.31 16.10
CA ASP A 64 30.40 -12.77 15.98
C ASP A 64 29.44 -13.45 16.95
N LYS A 65 29.41 -12.99 18.21
CA LYS A 65 28.56 -13.61 19.23
C LYS A 65 27.08 -13.41 18.91
N VAL A 66 26.71 -12.22 18.45
CA VAL A 66 25.33 -11.99 18.03
C VAL A 66 24.93 -12.98 16.95
N LYS A 67 25.80 -13.16 15.95
CA LYS A 67 25.52 -14.12 14.89
C LYS A 67 25.37 -15.54 15.46
N GLU A 68 26.28 -15.96 16.36
CA GLU A 68 26.22 -17.29 16.93
C GLU A 68 24.91 -17.49 17.70
N GLY A 69 24.36 -16.43 18.28
CA GLY A 69 23.11 -16.54 19.02
C GLY A 69 21.89 -16.76 18.17
N GLY A 70 21.99 -16.59 16.85
CA GLY A 70 20.89 -16.85 15.95
C GLY A 70 20.41 -15.66 15.16
N PHE A 71 21.01 -14.48 15.36
CA PHE A 71 20.67 -13.29 14.59
C PHE A 71 21.51 -13.25 13.32
N ASN A 72 20.89 -12.86 12.20
CA ASN A 72 21.64 -12.69 10.97
C ASN A 72 21.57 -11.26 10.43
N THR A 73 21.03 -10.32 11.22
CA THR A 73 20.88 -8.92 10.84
C THR A 73 21.19 -8.05 12.04
N VAL A 74 21.96 -6.98 11.81
CA VAL A 74 22.28 -6.00 12.84
C VAL A 74 21.86 -4.63 12.34
N ARG A 75 21.04 -3.93 13.12
CA ARG A 75 20.75 -2.53 12.88
C ARG A 75 21.77 -1.71 13.67
N VAL A 76 22.43 -0.78 12.99
CA VAL A 76 23.47 0.08 13.56
C VAL A 76 22.90 1.49 13.65
N PRO A 77 22.22 1.84 14.75
CA PRO A 77 21.73 3.22 14.89
C PRO A 77 22.89 4.18 15.07
N VAL A 78 22.87 5.27 14.31
CA VAL A 78 23.98 6.22 14.32
C VAL A 78 23.43 7.62 14.48
N SER A 79 23.88 8.32 15.52
CA SER A 79 23.60 9.73 15.67
C SER A 79 24.76 10.52 15.09
N TRP A 80 24.47 11.37 14.11
CA TRP A 80 25.49 12.13 13.39
C TRP A 80 25.62 13.57 13.88
N ILE A 81 24.67 14.06 14.68
CA ILE A 81 24.60 15.50 14.95
C ILE A 81 25.88 16.02 15.59
N ASP A 82 26.44 15.29 16.56
CA ASP A 82 27.63 15.77 17.25
C ASP A 82 28.89 15.68 16.38
N HIS A 83 28.77 15.09 15.20
CA HIS A 83 29.87 14.88 14.25
C HIS A 83 29.65 15.61 12.93
N THR A 84 28.66 16.50 12.88
CA THR A 84 28.28 17.23 11.68
C THR A 84 28.68 18.69 11.84
N GLY A 85 29.35 19.24 10.84
CA GLY A 85 29.83 20.60 10.90
C GLY A 85 28.75 21.65 10.67
N SER A 86 29.18 22.90 10.72
CA SER A 86 28.29 24.04 10.59
C SER A 86 27.58 24.04 9.25
N ALA A 87 26.41 24.68 9.23
CA ALA A 87 25.71 24.93 7.97
C ALA A 87 26.50 25.92 7.11
N PRO A 88 26.32 25.88 5.78
CA PRO A 88 25.40 25.00 5.05
C PRO A 88 26.03 23.72 4.48
N GLU A 89 27.34 23.53 4.70
CA GLU A 89 28.02 22.36 4.16
C GLU A 89 27.74 21.10 4.96
N TYR A 90 27.59 21.23 6.29
CA TYR A 90 27.26 20.10 7.13
C TYR A 90 28.25 18.95 6.93
N GLN A 91 29.53 19.30 6.92
CA GLN A 91 30.58 18.32 6.68
C GLN A 91 30.67 17.35 7.85
N ILE A 92 30.61 16.05 7.54
CA ILE A 92 30.70 15.03 8.57
C ILE A 92 32.17 14.77 8.89
N ASP A 93 32.51 14.77 10.18
CA ASP A 93 33.85 14.46 10.64
C ASP A 93 34.36 13.14 10.05
N GLU A 94 35.53 13.22 9.40
CA GLU A 94 36.09 12.05 8.72
C GLU A 94 36.35 10.91 9.71
N ALA A 95 36.85 11.23 10.91
CA ALA A 95 37.15 10.18 11.88
C ALA A 95 35.88 9.42 12.28
N TRP A 96 34.76 10.12 12.41
CA TRP A 96 33.49 9.48 12.73
C TRP A 96 33.03 8.60 11.59
N MET A 97 33.06 9.12 10.36
CA MET A 97 32.68 8.30 9.22
C MET A 97 33.52 7.04 9.17
N ASN A 98 34.83 7.17 9.47
CA ASN A 98 35.70 5.99 9.48
C ASN A 98 35.27 4.98 10.52
N ARG A 99 34.94 5.42 11.74
CA ARG A 99 34.55 4.48 12.78
C ARG A 99 33.22 3.80 12.44
N VAL A 100 32.25 4.57 11.93
CA VAL A 100 30.99 3.97 11.50
C VAL A 100 31.24 2.87 10.50
N GLN A 101 32.11 3.13 9.52
CA GLN A 101 32.40 2.12 8.51
C GLN A 101 33.03 0.89 9.15
N GLU A 102 33.91 1.08 10.13
CA GLU A 102 34.52 -0.07 10.82
C GLU A 102 33.45 -0.97 11.44
N VAL A 103 32.46 -0.36 12.11
CA VAL A 103 31.44 -1.15 12.78
C VAL A 103 30.51 -1.81 11.77
N VAL A 104 30.14 -1.08 10.72
CA VAL A 104 29.36 -1.68 9.64
C VAL A 104 30.08 -2.90 9.10
N ASN A 105 31.39 -2.80 8.91
CA ASN A 105 32.14 -3.94 8.39
C ASN A 105 32.14 -5.12 9.34
N TYR A 106 32.08 -4.89 10.67
CA TYR A 106 31.96 -6.04 11.56
C TYR A 106 30.75 -6.89 11.16
N VAL A 107 29.68 -6.25 10.70
CA VAL A 107 28.45 -6.94 10.32
C VAL A 107 28.55 -7.50 8.92
N ILE A 108 28.96 -6.66 7.96
CA ILE A 108 29.03 -7.07 6.56
C ILE A 108 30.06 -8.18 6.37
N ASP A 109 31.19 -8.09 7.07
CA ASP A 109 32.19 -9.14 6.97
C ASP A 109 31.76 -10.44 7.62
N ASN A 110 30.67 -10.43 8.38
CA ASN A 110 30.09 -11.65 8.94
C ASN A 110 28.98 -12.21 8.05
N ASP A 111 28.85 -11.67 6.82
CA ASP A 111 27.83 -12.12 5.87
C ASP A 111 26.42 -11.92 6.41
N MET A 112 26.26 -10.89 7.23
CA MET A 112 24.99 -10.49 7.80
C MET A 112 24.41 -9.29 7.03
N TYR A 113 23.11 -9.11 7.18
CA TYR A 113 22.43 -7.89 6.75
C TYR A 113 22.68 -6.79 7.78
N CYS A 114 22.81 -5.55 7.28
CA CYS A 114 23.11 -4.39 8.13
C CYS A 114 22.20 -3.24 7.73
N ILE A 115 21.62 -2.58 8.73
CA ILE A 115 20.81 -1.39 8.53
C ILE A 115 21.52 -0.20 9.19
N LEU A 116 21.80 0.83 8.39
CA LEU A 116 22.51 2.03 8.82
C LEU A 116 21.55 3.20 8.69
N ASN A 117 21.42 3.99 9.77
CA ASN A 117 20.48 5.10 9.70
C ASN A 117 21.08 6.44 10.13
N ILE A 118 20.23 7.46 10.25
CA ILE A 118 20.50 8.60 11.15
C ILE A 118 19.53 8.46 12.30
N HIS A 119 19.96 8.82 13.52
CA HIS A 119 19.21 8.44 14.71
C HIS A 119 18.80 9.69 15.47
N HIS A 120 19.51 10.10 16.52
CA HIS A 120 18.98 11.16 17.39
C HIS A 120 19.32 12.55 16.82
N GLU A 121 18.59 12.91 15.77
CA GLU A 121 18.83 14.15 15.05
C GLU A 121 17.79 15.21 15.37
N ASN A 122 17.00 15.02 16.43
CA ASN A 122 15.78 15.81 16.63
C ASN A 122 16.06 17.28 16.90
N ASP A 123 17.28 17.63 17.32
CA ASP A 123 17.59 19.03 17.58
C ASP A 123 17.37 19.87 16.34
N TRP A 124 17.60 19.30 15.16
CA TRP A 124 17.40 20.02 13.91
C TRP A 124 16.33 19.42 13.02
N LEU A 125 16.03 18.13 13.16
CA LEU A 125 15.07 17.45 12.28
C LEU A 125 13.69 17.64 12.89
N ILE A 126 13.04 18.74 12.51
CA ILE A 126 11.80 19.20 13.13
C ILE A 126 10.71 19.16 12.07
N PRO A 127 9.60 18.46 12.29
CA PRO A 127 8.59 18.34 11.22
C PRO A 127 7.52 19.43 11.22
N THR A 128 7.91 20.60 10.72
CA THR A 128 7.00 21.71 10.53
C THR A 128 7.25 22.34 9.17
N ASN A 129 6.25 23.07 8.69
CA ASN A 129 6.37 23.70 7.37
C ASN A 129 7.47 24.75 7.37
N ALA A 130 7.61 25.48 8.47
CA ALA A 130 8.65 26.50 8.55
C ALA A 130 10.04 25.88 8.43
N GLN A 131 10.27 24.76 9.11
CA GLN A 131 11.58 24.13 9.10
C GLN A 131 11.84 23.30 7.86
N LYS A 132 10.80 22.97 7.09
CA LYS A 132 10.92 21.95 6.04
C LYS A 132 12.08 22.20 5.09
N ASP A 133 12.18 23.41 4.55
CA ASP A 133 13.22 23.67 3.55
C ASP A 133 14.60 23.49 4.14
N SER A 134 14.80 23.95 5.38
CA SER A 134 16.12 23.86 6.00
C SER A 134 16.47 22.42 6.33
N VAL A 135 15.51 21.65 6.83
CA VAL A 135 15.75 20.25 7.18
C VAL A 135 16.02 19.43 5.92
N ASN A 136 15.18 19.60 4.89
CA ASN A 136 15.41 18.89 3.63
C ASN A 136 16.79 19.20 3.07
N ALA A 137 17.26 20.45 3.21
CA ALA A 137 18.60 20.77 2.73
C ALA A 137 19.66 19.99 3.49
N ARG A 138 19.48 19.85 4.81
CA ARG A 138 20.48 19.14 5.60
C ARG A 138 20.40 17.64 5.38
N LEU A 139 19.19 17.08 5.26
CA LEU A 139 19.07 15.67 4.91
C LEU A 139 19.83 15.35 3.62
N ASP A 140 19.67 16.20 2.60
CA ASP A 140 20.39 15.97 1.36
C ASP A 140 21.89 16.07 1.57
N ALA A 141 22.34 17.04 2.37
CA ALA A 141 23.77 17.20 2.62
C ALA A 141 24.36 15.97 3.30
N ILE A 142 23.67 15.45 4.33
CA ILE A 142 24.31 14.38 5.07
C ILE A 142 24.09 13.03 4.40
N TRP A 143 22.90 12.78 3.82
CA TRP A 143 22.69 11.50 3.15
C TRP A 143 23.55 11.39 1.89
N THR A 144 23.85 12.51 1.24
CA THR A 144 24.80 12.46 0.12
C THR A 144 26.17 11.96 0.60
N GLN A 145 26.63 12.46 1.75
CA GLN A 145 27.92 12.03 2.29
C GLN A 145 27.88 10.56 2.70
N ILE A 146 26.83 10.15 3.42
CA ILE A 146 26.73 8.79 3.93
C ILE A 146 26.58 7.81 2.78
N ALA A 147 25.67 8.11 1.84
CA ALA A 147 25.45 7.22 0.70
C ALA A 147 26.69 7.14 -0.17
N THR A 148 27.45 8.24 -0.29
CA THR A 148 28.68 8.17 -1.06
C THR A 148 29.71 7.28 -0.39
N ARG A 149 29.86 7.38 0.93
CA ARG A 149 30.86 6.57 1.61
C ARG A 149 30.54 5.09 1.47
N PHE A 150 29.27 4.74 1.57
CA PHE A 150 28.83 3.35 1.61
C PHE A 150 28.21 2.87 0.31
N GLY A 151 28.41 3.61 -0.79
CA GLY A 151 27.75 3.25 -2.04
C GLY A 151 28.23 1.95 -2.62
N SER A 152 29.45 1.53 -2.29
CA SER A 152 30.02 0.34 -2.91
C SER A 152 29.44 -0.97 -2.35
N TYR A 153 28.71 -0.93 -1.25
CA TYR A 153 28.26 -2.16 -0.60
C TYR A 153 27.14 -2.84 -1.39
N ASP A 154 27.03 -4.16 -1.21
CA ASP A 154 26.02 -4.95 -1.93
C ASP A 154 24.68 -4.89 -1.19
N GLU A 155 23.77 -5.82 -1.53
CA GLU A 155 22.38 -5.73 -1.09
C GLU A 155 22.24 -5.93 0.42
N HIS A 156 23.25 -6.46 1.08
CA HIS A 156 23.19 -6.70 2.50
C HIS A 156 23.18 -5.41 3.32
N LEU A 157 23.51 -4.28 2.71
CA LEU A 157 23.48 -3.00 3.42
C LEU A 157 22.21 -2.25 3.02
N ILE A 158 21.41 -1.90 4.02
CA ILE A 158 20.18 -1.14 3.88
C ILE A 158 20.43 0.23 4.51
N PHE A 159 19.99 1.29 3.84
CA PHE A 159 19.97 2.63 4.41
C PHE A 159 18.57 2.90 4.97
N GLU A 160 18.51 3.43 6.19
CA GLU A 160 17.24 3.85 6.80
C GLU A 160 17.30 5.35 7.05
N GLY A 161 16.36 6.10 6.46
CA GLY A 161 16.54 7.54 6.33
C GLY A 161 16.41 8.30 7.64
N MET A 162 15.56 7.86 8.54
CA MET A 162 15.33 8.50 9.83
C MET A 162 14.94 7.44 10.84
N ASN A 163 14.91 7.84 12.12
CA ASN A 163 14.56 6.95 13.22
C ASN A 163 13.12 7.19 13.70
N GLN A 164 12.93 8.19 14.55
CA GLN A 164 11.60 8.49 15.11
C GLN A 164 11.29 9.98 14.98
N PRO A 165 11.17 10.48 13.74
CA PRO A 165 10.87 11.91 13.55
C PRO A 165 9.50 12.24 14.14
N ARG A 166 9.43 13.36 14.86
CA ARG A 166 8.26 13.67 15.66
C ARG A 166 8.30 15.11 16.11
N LEU A 167 7.18 15.57 16.69
CA LEU A 167 7.04 16.93 17.16
C LEU A 167 7.38 16.97 18.65
N VAL A 168 8.66 17.22 18.93
CA VAL A 168 9.15 17.18 20.30
C VAL A 168 8.49 18.29 21.11
N GLY A 169 7.97 17.93 22.29
CA GLY A 169 7.34 18.89 23.17
C GLY A 169 5.85 19.07 22.96
N ASP A 170 5.29 18.52 21.91
CA ASP A 170 3.87 18.65 21.63
C ASP A 170 3.06 17.71 22.52
N PRO A 171 1.87 18.11 22.97
CA PRO A 171 1.05 17.20 23.77
C PRO A 171 0.90 15.82 23.14
N ASN A 172 0.91 15.74 21.82
CA ASN A 172 0.76 14.47 21.12
C ASN A 172 2.07 14.04 20.47
N GLU A 173 3.20 14.49 21.01
CA GLU A 173 4.50 14.08 20.51
C GLU A 173 4.57 12.59 20.22
N TRP A 174 4.19 11.75 21.19
CA TRP A 174 4.19 10.31 21.05
C TRP A 174 2.81 9.77 20.72
N ASN A 175 1.97 10.60 20.10
CA ASN A 175 0.59 10.25 19.79
C ASN A 175 0.20 10.81 18.44
N GLY A 176 1.11 10.72 17.47
CA GLY A 176 0.81 11.09 16.11
C GLY A 176 1.01 12.56 15.76
N GLY A 177 1.36 13.39 16.73
CA GLY A 177 1.65 14.79 16.41
C GLY A 177 0.44 15.50 15.86
N ASN A 178 0.66 16.29 14.81
CA ASN A 178 -0.45 16.90 14.09
C ASN A 178 -0.30 16.59 12.61
N GLN A 179 -1.35 16.91 11.84
CA GLN A 179 -1.33 16.58 10.41
C GLN A 179 -0.16 17.24 9.71
N GLU A 180 0.16 18.47 10.07
CA GLU A 180 1.29 19.16 9.46
C GLU A 180 2.58 18.37 9.61
N ALA A 181 2.81 17.84 10.81
CA ALA A 181 4.03 17.08 11.05
C ALA A 181 4.05 15.78 10.25
N ARG A 182 2.92 15.08 10.22
CA ARG A 182 2.88 13.82 9.48
C ARG A 182 3.10 14.07 7.98
N GLN A 183 2.56 15.18 7.45
CA GLN A 183 2.74 15.46 6.03
C GLN A 183 4.17 15.89 5.73
N VAL A 184 4.76 16.71 6.60
CA VAL A 184 6.13 17.15 6.36
C VAL A 184 7.10 15.96 6.43
N ILE A 185 6.83 14.97 7.29
CA ILE A 185 7.69 13.81 7.34
C ILE A 185 7.65 13.03 6.02
N ASN A 186 6.53 13.10 5.30
CA ASN A 186 6.49 12.49 3.98
C ASN A 186 7.50 13.15 3.04
N SER A 187 7.66 14.47 3.15
CA SER A 187 8.64 15.18 2.33
C SER A 187 10.06 14.80 2.73
N TYR A 188 10.31 14.62 4.03
CA TYR A 188 11.62 14.21 4.48
C TYR A 188 11.99 12.83 3.97
N ASN A 189 11.05 11.88 4.04
CA ASN A 189 11.30 10.54 3.50
C ASN A 189 11.56 10.59 2.00
N GLN A 190 10.81 11.42 1.27
CA GLN A 190 11.03 11.54 -0.17
C GLN A 190 12.41 12.12 -0.49
N THR A 191 12.83 13.14 0.27
CA THR A 191 14.15 13.72 0.04
C THR A 191 15.24 12.69 0.23
N PHE A 192 15.16 11.93 1.31
CA PHE A 192 16.11 10.85 1.56
C PHE A 192 16.21 9.90 0.38
N VAL A 193 15.08 9.38 -0.09
CA VAL A 193 15.09 8.47 -1.23
C VAL A 193 15.73 9.16 -2.43
N ASN A 194 15.29 10.39 -2.74
CA ASN A 194 15.83 11.12 -3.88
C ASN A 194 17.34 11.27 -3.77
N THR A 195 17.84 11.61 -2.57
CA THR A 195 19.27 11.85 -2.36
C THR A 195 20.08 10.58 -2.54
N VAL A 196 19.61 9.46 -2.00
CA VAL A 196 20.33 8.20 -2.16
C VAL A 196 20.37 7.80 -3.64
N ARG A 197 19.21 7.83 -4.31
CA ARG A 197 19.19 7.37 -5.69
C ARG A 197 20.07 8.24 -6.59
N ALA A 198 20.21 9.54 -6.28
CA ALA A 198 21.00 10.42 -7.13
C ALA A 198 22.48 10.08 -7.11
N THR A 199 22.99 9.42 -6.06
CA THR A 199 24.39 9.04 -6.01
C THR A 199 24.70 7.88 -6.97
N GLY A 200 23.69 7.14 -7.42
CA GLY A 200 23.95 6.15 -8.45
C GLY A 200 24.68 4.92 -7.94
N GLY A 201 25.24 4.17 -8.89
CA GLY A 201 25.95 2.94 -8.55
C GLY A 201 25.01 1.92 -7.94
N ASN A 202 25.53 1.17 -6.96
CA ASN A 202 24.71 0.22 -6.22
C ASN A 202 23.59 0.89 -5.45
N ASN A 203 23.74 2.16 -5.10
CA ASN A 203 22.67 2.86 -4.39
C ASN A 203 21.44 3.04 -5.25
N ALA A 204 21.56 2.84 -6.57
CA ALA A 204 20.41 2.96 -7.46
C ALA A 204 19.39 1.86 -7.21
N ILE A 205 19.82 0.71 -6.68
CA ILE A 205 18.90 -0.42 -6.50
C ILE A 205 18.96 -0.99 -5.09
N ARG A 206 19.60 -0.28 -4.18
CA ARG A 206 19.65 -0.69 -2.78
C ARG A 206 18.26 -0.60 -2.16
N CYS A 207 17.98 -1.50 -1.21
CA CYS A 207 16.75 -1.40 -0.43
C CYS A 207 16.88 -0.29 0.60
N LEU A 208 15.81 0.48 0.76
CA LEU A 208 15.80 1.62 1.65
C LEU A 208 14.64 1.51 2.63
N MET A 209 14.86 1.98 3.85
N MET A 209 14.86 2.01 3.84
CA MET A 209 13.89 1.89 4.94
CA MET A 209 13.93 1.93 4.95
C MET A 209 13.46 3.31 5.33
C MET A 209 13.47 3.33 5.31
N VAL A 210 12.17 3.50 5.54
CA VAL A 210 11.64 4.78 6.00
C VAL A 210 10.65 4.57 7.14
N PRO A 211 10.64 5.45 8.13
CA PRO A 211 9.65 5.35 9.21
C PRO A 211 8.40 6.17 8.94
N THR A 212 7.35 5.81 9.67
CA THR A 212 6.20 6.67 9.87
C THR A 212 6.56 7.76 10.89
N TYR A 213 5.65 8.71 11.10
CA TYR A 213 5.74 9.59 12.27
C TYR A 213 6.04 8.74 13.52
N ALA A 214 7.15 9.08 14.19
CA ALA A 214 7.66 8.43 15.40
C ALA A 214 7.89 6.93 15.24
N ALA A 215 8.00 6.44 13.99
CA ALA A 215 8.00 5.00 13.71
C ALA A 215 6.84 4.30 14.40
N SER A 216 5.71 4.99 14.52
CA SER A 216 4.54 4.46 15.21
C SER A 216 3.51 3.99 14.20
N CYS A 217 2.86 2.85 14.51
CA CYS A 217 1.73 2.36 13.73
C CYS A 217 0.45 2.70 14.49
N SER A 218 -0.32 3.66 13.95
CA SER A 218 -1.63 4.00 14.48
C SER A 218 -2.49 4.50 13.32
N SER A 219 -3.78 4.67 13.60
CA SER A 219 -4.70 5.13 12.56
C SER A 219 -4.24 6.45 11.96
N THR A 220 -3.82 7.40 12.78
CA THR A 220 -3.46 8.71 12.25
C THR A 220 -2.11 8.69 11.54
N THR A 221 -1.11 7.99 12.09
CA THR A 221 0.17 7.96 11.38
C THR A 221 0.08 7.16 10.10
N VAL A 222 -0.76 6.13 10.05
CA VAL A 222 -0.89 5.36 8.82
C VAL A 222 -1.70 6.12 7.78
N ASN A 223 -2.80 6.75 8.21
CA ASN A 223 -3.68 7.44 7.26
C ASN A 223 -2.90 8.48 6.46
N ASP A 224 -2.09 9.29 7.13
CA ASP A 224 -1.40 10.39 6.48
C ASP A 224 -0.06 10.00 5.85
N PHE A 225 0.37 8.76 6.02
CA PHE A 225 1.62 8.32 5.45
C PHE A 225 1.54 8.23 3.93
N VAL A 226 2.56 8.75 3.25
CA VAL A 226 2.67 8.63 1.80
C VAL A 226 3.98 7.93 1.48
N LEU A 227 3.89 6.77 0.82
CA LEU A 227 5.09 6.07 0.39
C LEU A 227 5.86 6.93 -0.61
N PRO A 228 7.17 7.11 -0.43
CA PRO A 228 7.93 7.89 -1.41
C PRO A 228 7.85 7.28 -2.79
N THR A 229 7.85 8.16 -3.79
CA THR A 229 8.03 7.79 -5.18
C THR A 229 9.51 7.48 -5.44
N ASP A 230 9.77 6.37 -6.12
CA ASP A 230 11.12 5.83 -6.28
C ASP A 230 11.43 5.67 -7.76
N THR A 231 12.70 5.45 -8.07
CA THR A 231 13.16 5.30 -9.45
C THR A 231 13.44 3.85 -9.82
N VAL A 232 13.06 2.92 -8.95
CA VAL A 232 13.28 1.49 -9.11
C VAL A 232 12.14 0.81 -8.36
N ALA A 233 11.80 -0.41 -8.77
CA ALA A 233 10.58 -1.05 -8.28
C ALA A 233 10.81 -1.86 -7.01
N ASN A 234 9.89 -1.73 -6.06
CA ASN A 234 9.76 -2.63 -4.92
C ASN A 234 11.05 -2.72 -4.10
N LYS A 235 11.59 -1.56 -3.73
CA LYS A 235 12.79 -1.48 -2.91
C LYS A 235 12.59 -0.78 -1.57
N LEU A 236 11.37 -0.40 -1.21
CA LEU A 236 11.13 0.40 -0.02
C LEU A 236 10.46 -0.43 1.08
N ILE A 237 10.87 -0.15 2.31
CA ILE A 237 10.48 -0.88 3.51
C ILE A 237 10.07 0.14 4.57
N VAL A 238 8.94 -0.07 5.19
CA VAL A 238 8.54 0.77 6.33
C VAL A 238 9.06 0.14 7.61
N ASP A 239 9.58 0.99 8.49
CA ASP A 239 10.07 0.59 9.81
C ASP A 239 9.08 1.03 10.87
N ILE A 240 8.54 0.08 11.62
CA ILE A 240 7.69 0.35 12.76
C ILE A 240 8.43 -0.13 14.01
N HIS A 241 8.38 0.67 15.06
CA HIS A 241 8.92 0.31 16.36
C HIS A 241 7.73 -0.01 17.25
N SER A 242 7.75 -1.18 17.90
CA SER A 242 6.56 -1.63 18.62
C SER A 242 6.97 -2.37 19.90
N TYR A 243 7.18 -1.61 20.96
CA TYR A 243 7.45 -2.17 22.29
C TYR A 243 6.11 -2.47 22.96
N SER A 244 5.49 -3.57 22.53
CA SER A 244 4.13 -3.89 22.89
C SER A 244 4.06 -5.27 23.55
N PRO A 245 3.15 -5.46 24.51
CA PRO A 245 2.18 -4.45 24.97
C PRO A 245 2.82 -3.43 25.89
N TYR A 246 2.41 -2.17 25.71
CA TYR A 246 3.11 -1.03 26.28
C TYR A 246 3.31 -1.15 27.78
N ASN A 247 2.26 -1.51 28.51
CA ASN A 247 2.35 -1.47 29.97
C ASN A 247 3.35 -2.48 30.47
N PHE A 248 3.49 -3.60 29.78
CA PHE A 248 4.41 -4.65 30.18
C PHE A 248 5.81 -4.44 29.61
N ALA A 249 5.90 -4.01 28.36
CA ALA A 249 7.18 -4.07 27.66
C ALA A 249 7.98 -2.78 27.76
N LEU A 250 7.32 -1.63 27.90
CA LEU A 250 7.98 -0.34 27.80
C LEU A 250 7.84 0.55 29.03
N ASN A 251 6.75 0.41 29.79
CA ASN A 251 6.49 1.27 30.95
C ASN A 251 7.22 0.71 32.17
N THR A 252 8.22 1.45 32.66
CA THR A 252 8.97 0.99 33.82
C THR A 252 8.11 0.89 35.07
N SER A 253 7.02 1.67 35.14
CA SER A 253 6.13 1.61 36.28
C SER A 253 4.87 0.81 35.98
N GLY A 254 4.91 -0.06 34.96
CA GLY A 254 3.83 -0.95 34.65
C GLY A 254 4.09 -2.36 35.15
N THR A 255 3.09 -3.21 34.96
CA THR A 255 3.14 -4.56 35.50
C THR A 255 4.36 -5.32 34.97
N SER A 256 4.78 -6.31 35.76
CA SER A 256 5.77 -7.30 35.33
C SER A 256 5.13 -8.63 34.96
N SER A 257 3.81 -8.76 35.04
CA SER A 257 3.11 -9.98 34.70
C SER A 257 2.64 -9.95 33.25
N PHE A 258 2.62 -11.13 32.61
CA PHE A 258 2.14 -11.29 31.24
C PHE A 258 1.01 -12.31 31.25
N THR A 259 -0.16 -11.92 30.75
CA THR A 259 -1.39 -12.69 30.88
C THR A 259 -1.98 -13.01 29.51
N GLN A 260 -3.01 -13.86 29.51
CA GLN A 260 -3.66 -14.22 28.25
C GLN A 260 -4.23 -12.99 27.55
N SER A 261 -4.75 -12.02 28.32
CA SER A 261 -5.24 -10.80 27.70
C SER A 261 -4.11 -10.07 26.98
N ASP A 262 -2.89 -10.10 27.54
CA ASP A 262 -1.76 -9.50 26.85
C ASP A 262 -1.47 -10.20 25.53
N ILE A 263 -1.70 -11.51 25.46
CA ILE A 263 -1.51 -12.22 24.20
C ILE A 263 -2.51 -11.72 23.16
N SER A 264 -3.78 -11.55 23.58
CA SER A 264 -4.79 -11.05 22.65
C SER A 264 -4.46 -9.65 22.17
N GLN A 265 -4.04 -8.76 23.08
CA GLN A 265 -3.67 -7.40 22.67
C GLN A 265 -2.52 -7.42 21.68
N LEU A 266 -1.51 -8.23 21.95
CA LEU A 266 -0.39 -8.39 21.03
C LEU A 266 -0.88 -8.87 19.67
N GLN A 267 -1.86 -9.77 19.65
CA GLN A 267 -2.39 -10.24 18.37
C GLN A 267 -2.98 -9.09 17.57
N TRP A 268 -3.78 -8.25 18.21
CA TRP A 268 -4.37 -7.12 17.52
C TRP A 268 -3.30 -6.12 17.08
N THR A 269 -2.29 -5.90 17.92
CA THR A 269 -1.30 -4.86 17.63
C THR A 269 -0.48 -5.21 16.40
N LEU A 270 0.06 -6.43 16.35
CA LEU A 270 0.86 -6.85 15.20
C LEU A 270 -0.01 -7.10 13.99
N GLN A 271 -1.26 -7.49 14.18
CA GLN A 271 -2.17 -7.55 13.05
C GLN A 271 -2.35 -6.18 12.41
N GLU A 272 -2.43 -5.12 13.22
CA GLU A 272 -2.59 -3.78 12.66
C GLU A 272 -1.38 -3.38 11.82
N ILE A 273 -0.18 -3.75 12.27
CA ILE A 273 1.01 -3.46 11.48
C ILE A 273 0.92 -4.14 10.12
N TYR A 274 0.48 -5.41 10.11
CA TYR A 274 0.35 -6.10 8.84
C TYR A 274 -0.73 -5.45 7.96
N ASN A 275 -1.90 -5.21 8.55
CA ASN A 275 -3.01 -4.68 7.75
C ASN A 275 -2.69 -3.32 7.20
N SER A 276 -1.86 -2.54 7.91
CA SER A 276 -1.54 -1.19 7.48
C SER A 276 -0.56 -1.18 6.31
N PHE A 277 0.41 -2.10 6.29
CA PHE A 277 1.50 -2.01 5.33
C PHE A 277 1.65 -3.28 4.51
N GLY A 278 1.97 -4.40 5.16
CA GLY A 278 2.23 -5.62 4.41
C GLY A 278 1.03 -6.07 3.59
N ALA A 279 -0.17 -5.96 4.16
CA ALA A 279 -1.39 -6.30 3.42
C ALA A 279 -1.62 -5.39 2.23
N LYS A 280 -0.98 -4.23 2.20
CA LYS A 280 -1.16 -3.25 1.14
C LYS A 280 -0.02 -3.26 0.12
N GLY A 281 0.89 -4.23 0.21
CA GLY A 281 2.01 -4.29 -0.69
C GLY A 281 3.22 -3.49 -0.26
N ILE A 282 3.21 -2.94 0.95
CA ILE A 282 4.34 -2.22 1.50
C ILE A 282 5.07 -3.17 2.47
N PRO A 283 6.27 -3.65 2.13
CA PRO A 283 7.02 -4.45 3.10
C PRO A 283 7.24 -3.66 4.38
N VAL A 284 7.17 -4.35 5.52
CA VAL A 284 7.27 -3.71 6.81
C VAL A 284 8.10 -4.58 7.75
N ILE A 285 8.94 -3.92 8.54
CA ILE A 285 9.78 -4.57 9.53
C ILE A 285 9.58 -3.87 10.86
N ILE A 286 9.64 -4.65 11.94
CA ILE A 286 9.64 -4.07 13.28
C ILE A 286 11.10 -3.88 13.63
N GLY A 287 11.62 -2.67 13.37
CA GLY A 287 13.05 -2.41 13.53
C GLY A 287 13.48 -2.24 14.96
N GLN A 288 12.54 -2.02 15.88
CA GLN A 288 12.83 -2.04 17.31
C GLN A 288 11.69 -2.70 18.05
N PHE A 289 12.02 -3.66 18.90
CA PHE A 289 11.08 -4.20 19.89
C PHE A 289 11.89 -4.71 21.07
N GLY A 290 11.19 -4.90 22.20
CA GLY A 290 11.80 -5.48 23.37
C GLY A 290 10.86 -5.37 24.55
N ALA A 291 11.27 -5.98 25.66
CA ALA A 291 10.55 -5.88 26.92
C ALA A 291 11.56 -5.62 28.02
N LEU A 292 11.29 -4.59 28.82
CA LEU A 292 12.21 -4.19 29.89
C LEU A 292 12.43 -5.31 30.88
N ASN A 293 13.62 -5.33 31.47
CA ASN A 293 13.89 -6.24 32.58
C ASN A 293 13.17 -5.73 33.82
N LYS A 294 12.18 -6.49 34.28
CA LYS A 294 11.48 -6.21 35.53
C LYS A 294 11.64 -7.37 36.50
N ASN A 295 12.79 -8.03 36.48
CA ASN A 295 13.02 -9.22 37.32
C ASN A 295 11.89 -10.22 37.12
N ASN A 296 11.60 -10.52 35.86
CA ASN A 296 10.41 -11.24 35.45
C ASN A 296 10.72 -12.14 34.26
N ILE A 297 11.65 -13.07 34.43
CA ILE A 297 12.14 -13.85 33.31
C ILE A 297 11.04 -14.76 32.76
N ASN A 298 10.22 -15.34 33.64
CA ASN A 298 9.16 -16.22 33.15
C ASN A 298 8.14 -15.41 32.35
N GLY A 299 7.79 -14.22 32.84
CA GLY A 299 6.88 -13.37 32.11
C GLY A 299 7.42 -12.98 30.74
N ARG A 300 8.70 -12.56 30.69
CA ARG A 300 9.26 -12.14 29.42
C ARG A 300 9.44 -13.31 28.45
N VAL A 301 9.65 -14.52 28.97
CA VAL A 301 9.75 -15.70 28.09
C VAL A 301 8.41 -15.96 27.41
N LEU A 302 7.32 -15.91 28.18
CA LEU A 302 6.00 -16.08 27.57
C LEU A 302 5.70 -14.95 26.59
N TRP A 303 5.98 -13.71 27.00
CA TRP A 303 5.83 -12.58 26.09
C TRP A 303 6.59 -12.82 24.79
N GLY A 304 7.85 -13.27 24.90
CA GLY A 304 8.70 -13.35 23.72
C GLY A 304 8.28 -14.45 22.76
N GLU A 305 7.90 -15.60 23.30
CA GLU A 305 7.38 -16.68 22.47
C GLU A 305 6.17 -16.21 21.66
N ASN A 306 5.28 -15.44 22.29
CA ASN A 306 4.06 -15.03 21.60
C ASN A 306 4.33 -13.90 20.62
N TYR A 307 5.20 -12.96 20.98
CA TYR A 307 5.55 -11.91 20.03
C TYR A 307 6.08 -12.50 18.73
N LEU A 308 7.08 -13.40 18.82
CA LEU A 308 7.69 -13.92 17.60
C LEU A 308 6.69 -14.81 16.83
N ARG A 309 5.89 -15.60 17.55
CA ARG A 309 4.89 -16.41 16.88
C ARG A 309 3.96 -15.56 16.03
N ILE A 310 3.42 -14.49 16.62
CA ILE A 310 2.49 -13.63 15.89
C ILE A 310 3.21 -12.92 14.76
N ALA A 311 4.42 -12.41 15.02
CA ALA A 311 5.19 -11.76 13.95
C ALA A 311 5.39 -12.68 12.76
N LYS A 312 5.81 -13.93 13.02
CA LYS A 312 6.01 -14.86 11.92
C LYS A 312 4.72 -15.14 11.16
N SER A 313 3.57 -15.14 11.84
CA SER A 313 2.32 -15.44 11.16
C SER A 313 1.94 -14.37 10.14
N TYR A 314 2.52 -13.16 10.25
CA TYR A 314 2.33 -12.09 9.28
C TYR A 314 3.57 -11.86 8.44
N ASN A 315 4.58 -12.74 8.59
CA ASN A 315 5.84 -12.65 7.86
C ASN A 315 6.55 -11.33 8.11
N ILE A 316 6.52 -10.86 9.36
CA ILE A 316 7.15 -9.61 9.75
C ILE A 316 8.41 -9.90 10.53
N ARG A 317 9.54 -9.41 10.03
CA ARG A 317 10.81 -9.55 10.72
C ARG A 317 10.88 -8.59 11.90
N CYS A 318 11.67 -8.96 12.91
CA CYS A 318 11.79 -8.19 14.13
C CYS A 318 13.27 -8.01 14.47
N ILE A 319 13.57 -6.87 15.12
CA ILE A 319 14.93 -6.50 15.51
C ILE A 319 14.90 -6.05 16.98
N TRP A 320 15.58 -6.82 17.84
CA TRP A 320 15.64 -6.50 19.26
C TRP A 320 16.46 -5.24 19.51
N TRP A 321 15.98 -4.38 20.40
CA TRP A 321 16.74 -3.21 20.85
C TRP A 321 17.65 -3.63 22.02
N ASP A 322 18.94 -3.83 21.76
CA ASP A 322 19.84 -4.28 22.82
C ASP A 322 20.74 -3.11 23.22
N ASN A 323 20.43 -2.49 24.36
CA ASN A 323 21.20 -1.35 24.86
C ASN A 323 22.18 -1.73 25.97
N ASN A 324 22.47 -3.01 26.17
CA ASN A 324 23.49 -3.45 27.11
C ASN A 324 23.24 -2.97 28.54
N ALA A 325 21.99 -2.70 28.90
CA ALA A 325 21.62 -2.22 30.22
C ALA A 325 20.74 -3.26 30.92
N PHE A 326 21.19 -3.71 32.09
CA PHE A 326 20.56 -4.83 32.80
C PHE A 326 19.94 -4.45 34.13
N ASP A 327 20.65 -3.69 34.97
CA ASP A 327 20.11 -3.30 36.26
C ASP A 327 20.45 -1.84 36.53
N THR A 328 20.46 -1.03 35.48
CA THR A 328 20.74 0.40 35.59
C THR A 328 19.51 1.17 36.07
N SER A 329 19.71 2.47 36.31
CA SER A 329 18.62 3.36 36.68
C SER A 329 17.64 3.59 35.54
N GLY A 330 17.94 3.10 34.35
CA GLY A 330 17.14 3.45 33.18
C GLY A 330 16.39 2.30 32.57
N GLU A 331 16.20 2.35 31.25
CA GLU A 331 15.50 1.30 30.52
C GLU A 331 16.45 0.13 30.31
N ASN A 332 16.15 -1.02 30.90
CA ASN A 332 17.07 -2.14 30.86
C ASN A 332 16.63 -3.17 29.81
N PHE A 333 17.08 -2.94 28.58
CA PHE A 333 16.74 -3.79 27.44
C PHE A 333 17.90 -4.69 27.02
N GLY A 334 18.92 -4.85 27.87
CA GLY A 334 20.07 -5.64 27.47
C GLY A 334 19.74 -7.12 27.30
N LEU A 335 20.46 -7.76 26.38
CA LEU A 335 20.31 -9.18 26.11
C LEU A 335 21.69 -9.85 26.06
N LEU A 336 22.60 -9.29 25.26
CA LEU A 336 24.00 -9.69 25.27
C LEU A 336 24.75 -8.86 26.29
N ASN A 337 25.40 -9.52 27.26
CA ASN A 337 26.26 -8.79 28.17
C ASN A 337 27.58 -8.53 27.44
N ARG A 338 27.79 -7.28 27.01
CA ARG A 338 28.98 -6.97 26.22
C ARG A 338 30.26 -7.03 27.03
N GLY A 339 30.16 -6.95 28.36
CA GLY A 339 31.36 -6.98 29.18
C GLY A 339 31.98 -8.36 29.30
N THR A 340 31.16 -9.40 29.22
CA THR A 340 31.64 -10.78 29.33
C THR A 340 31.39 -11.60 28.07
N LEU A 341 30.75 -11.01 27.04
CA LEU A 341 30.38 -11.71 25.82
C LEU A 341 29.52 -12.93 26.12
N THR A 342 28.53 -12.73 26.99
CA THR A 342 27.62 -13.81 27.36
C THR A 342 26.18 -13.32 27.34
N TRP A 343 25.27 -14.23 27.00
CA TRP A 343 23.85 -13.92 26.98
C TRP A 343 23.35 -13.86 28.42
N GLN A 344 22.85 -12.69 28.84
CA GLN A 344 22.43 -12.50 30.22
C GLN A 344 21.14 -13.25 30.54
N TYR A 345 20.24 -13.39 29.57
CA TYR A 345 18.96 -14.08 29.78
C TYR A 345 18.79 -15.16 28.71
N PRO A 346 19.54 -16.26 28.82
CA PRO A 346 19.50 -17.26 27.75
C PRO A 346 18.12 -17.83 27.51
N GLU A 347 17.29 -17.87 28.56
CA GLU A 347 15.92 -18.34 28.40
C GLU A 347 15.13 -17.45 27.46
N LEU A 348 15.38 -16.14 27.51
CA LEU A 348 14.68 -15.20 26.65
C LEU A 348 15.18 -15.28 25.22
N LEU A 349 16.49 -15.41 25.04
CA LEU A 349 17.03 -15.63 23.69
C LEU A 349 16.40 -16.86 23.06
N GLU A 350 16.39 -17.99 23.78
CA GLU A 350 15.78 -19.22 23.25
C GLU A 350 14.32 -18.99 22.93
N ALA A 351 13.60 -18.26 23.79
CA ALA A 351 12.18 -18.03 23.54
C ALA A 351 11.94 -17.31 22.22
N MET A 352 12.88 -16.44 21.80
CA MET A 352 12.72 -15.68 20.58
CA MET A 352 12.70 -15.67 20.58
C MET A 352 13.34 -16.35 19.37
N MET A 353 14.12 -17.41 19.57
CA MET A 353 14.77 -18.11 18.47
C MET A 353 14.01 -19.37 18.06
N LYS A 354 13.14 -19.89 18.91
CA LYS A 354 12.38 -21.12 18.62
C LYS A 354 11.23 -20.86 17.66
N SER B 1 22.64 -11.96 -22.66
CA SER B 1 21.67 -12.34 -23.72
C SER B 1 20.66 -13.33 -23.12
N LEU B 2 19.43 -12.88 -22.91
CA LEU B 2 18.44 -13.71 -22.25
C LEU B 2 17.70 -14.58 -23.27
N GLU B 3 17.38 -15.80 -22.88
CA GLU B 3 16.63 -16.73 -23.72
C GLU B 3 15.15 -16.45 -23.52
N LEU B 4 14.46 -16.10 -24.61
CA LEU B 4 13.04 -15.85 -24.55
C LEU B 4 12.28 -17.16 -24.37
N LEU B 5 11.22 -17.12 -23.57
CA LEU B 5 10.36 -18.29 -23.41
C LEU B 5 9.23 -18.32 -24.43
N GLU B 6 9.15 -17.33 -25.32
CA GLU B 6 8.19 -17.32 -26.41
C GLU B 6 8.47 -16.08 -27.26
N PRO B 7 8.02 -16.06 -28.51
CA PRO B 7 8.20 -14.85 -29.34
C PRO B 7 7.64 -13.63 -28.62
N PRO B 8 8.20 -12.45 -28.85
CA PRO B 8 7.63 -11.23 -28.26
C PRO B 8 6.46 -10.71 -29.08
N THR B 9 5.70 -9.80 -28.48
CA THR B 9 4.57 -9.15 -29.14
C THR B 9 4.75 -7.63 -29.12
N GLN B 10 3.88 -6.94 -29.86
CA GLN B 10 3.91 -5.48 -29.96
C GLN B 10 3.19 -4.81 -28.79
N MET B 11 2.78 -5.58 -27.79
CA MET B 11 2.21 -5.02 -26.57
C MET B 11 3.26 -4.23 -25.78
N ARG B 12 2.87 -3.06 -25.30
CA ARG B 12 3.74 -2.24 -24.46
C ARG B 12 3.68 -2.71 -23.02
N ASP B 13 4.85 -2.86 -22.39
CA ASP B 13 4.96 -3.32 -21.01
C ASP B 13 4.90 -2.08 -20.12
N LEU B 14 3.70 -1.72 -19.71
CA LEU B 14 3.48 -0.53 -18.88
C LEU B 14 3.13 -0.94 -17.46
N THR B 15 3.56 -0.12 -16.50
CA THR B 15 3.04 -0.27 -15.15
C THR B 15 1.60 0.25 -15.11
N ALA B 16 0.88 -0.12 -14.05
CA ALA B 16 -0.46 0.42 -13.86
C ALA B 16 -0.43 1.94 -13.75
N SER B 17 0.58 2.49 -13.05
CA SER B 17 0.65 3.95 -12.93
C SER B 17 0.83 4.61 -14.29
N GLN B 18 1.69 4.05 -15.15
CA GLN B 18 1.86 4.59 -16.49
C GLN B 18 0.57 4.50 -17.29
N LEU B 19 -0.09 3.35 -17.23
CA LEU B 19 -1.35 3.18 -17.96
C LEU B 19 -2.36 4.23 -17.53
N LEU B 20 -2.54 4.40 -16.21
CA LEU B 20 -3.55 5.32 -15.71
C LEU B 20 -3.22 6.77 -16.06
N ASP B 21 -1.95 7.10 -16.25
CA ASP B 21 -1.61 8.45 -16.70
C ASP B 21 -1.91 8.67 -18.18
N GLU B 22 -2.18 7.61 -18.94
CA GLU B 22 -2.59 7.75 -20.32
C GLU B 22 -4.10 7.90 -20.46
N ILE B 23 -4.86 7.49 -19.45
CA ILE B 23 -6.30 7.68 -19.45
C ILE B 23 -6.59 9.16 -19.22
N THR B 24 -7.57 9.69 -19.93
CA THR B 24 -8.06 11.04 -19.66
C THR B 24 -9.23 10.98 -18.69
N ILE B 25 -10.33 10.36 -19.11
CA ILE B 25 -11.55 10.23 -18.34
C ILE B 25 -12.33 9.11 -19.00
N GLY B 26 -13.14 8.39 -18.22
CA GLY B 26 -13.78 7.17 -18.69
C GLY B 26 -15.29 7.20 -18.62
N TRP B 27 -15.90 6.20 -19.30
CA TRP B 27 -17.35 6.13 -19.54
C TRP B 27 -17.79 4.67 -19.46
N ASN B 28 -18.80 4.40 -18.61
CA ASN B 28 -19.39 3.07 -18.48
C ASN B 28 -20.54 2.86 -19.46
N LEU B 29 -20.54 1.72 -20.14
CA LEU B 29 -21.69 1.30 -20.96
C LEU B 29 -22.71 0.60 -20.05
N GLY B 30 -23.46 1.43 -19.33
CA GLY B 30 -24.26 0.92 -18.22
C GLY B 30 -25.61 0.35 -18.63
N ASN B 31 -26.08 -0.61 -17.84
CA ASN B 31 -27.40 -1.25 -18.00
C ASN B 31 -27.57 -1.90 -19.38
N THR B 32 -26.51 -2.51 -19.88
CA THR B 32 -26.45 -3.03 -21.23
C THR B 32 -26.00 -4.49 -21.16
N LEU B 33 -24.71 -4.77 -21.34
CA LEU B 33 -24.29 -6.16 -21.23
C LEU B 33 -24.34 -6.65 -19.79
N ASP B 34 -24.48 -5.75 -18.83
CA ASP B 34 -24.64 -6.07 -17.42
C ASP B 34 -26.08 -6.38 -17.03
N ALA B 35 -27.04 -6.24 -17.95
CA ALA B 35 -28.42 -6.56 -17.64
C ALA B 35 -28.56 -8.06 -17.35
N THR B 36 -29.33 -8.38 -16.31
CA THR B 36 -29.67 -9.77 -15.99
C THR B 36 -31.17 -9.95 -16.11
N THR B 37 -31.57 -11.18 -16.41
CA THR B 37 -32.96 -11.57 -16.63
C THR B 37 -33.24 -12.87 -15.89
N THR B 38 -32.49 -13.11 -14.81
CA THR B 38 -32.40 -14.44 -14.21
C THR B 38 -33.75 -14.95 -13.72
N SER B 39 -34.60 -14.07 -13.19
CA SER B 39 -35.83 -14.54 -12.58
C SER B 39 -36.96 -14.75 -13.57
N TRP B 40 -36.77 -14.48 -14.87
CA TRP B 40 -37.85 -14.68 -15.82
C TRP B 40 -37.42 -15.18 -17.19
N LEU B 41 -36.15 -15.06 -17.57
CA LEU B 41 -35.66 -15.50 -18.89
C LEU B 41 -34.31 -16.16 -18.65
N PRO B 42 -34.29 -17.46 -18.38
CA PRO B 42 -33.05 -18.08 -17.85
C PRO B 42 -31.96 -18.22 -18.90
N ASN B 43 -32.30 -18.27 -20.18
CA ASN B 43 -31.35 -18.63 -21.23
C ASN B 43 -31.40 -17.62 -22.37
N PRO B 44 -31.11 -16.36 -22.07
CA PRO B 44 -31.25 -15.32 -23.10
C PRO B 44 -30.22 -15.47 -24.22
N THR B 45 -30.65 -15.10 -25.43
CA THR B 45 -29.72 -14.80 -26.51
C THR B 45 -29.04 -13.47 -26.16
N PRO B 46 -27.93 -13.15 -26.82
CA PRO B 46 -27.25 -11.89 -26.49
C PRO B 46 -28.12 -10.65 -26.67
N ALA B 47 -28.88 -10.56 -27.76
CA ALA B 47 -29.72 -9.37 -27.96
C ALA B 47 -30.79 -9.26 -26.89
N GLN B 48 -31.31 -10.40 -26.40
CA GLN B 48 -32.36 -10.35 -25.37
C GLN B 48 -31.81 -9.78 -24.07
N SER B 49 -30.57 -10.08 -23.72
CA SER B 49 -29.96 -9.51 -22.52
C SER B 49 -29.67 -8.03 -22.72
N GLU B 50 -28.94 -7.71 -23.80
CA GLU B 50 -28.43 -6.36 -24.01
C GLU B 50 -29.53 -5.32 -23.96
N THR B 51 -30.74 -5.68 -24.37
CA THR B 51 -31.85 -4.76 -24.49
C THR B 51 -32.88 -4.89 -23.37
N ALA B 52 -32.65 -5.79 -22.42
CA ALA B 52 -33.65 -6.11 -21.42
C ALA B 52 -33.95 -4.96 -20.48
N TRP B 53 -33.02 -4.03 -20.30
CA TRP B 53 -33.16 -2.90 -19.38
C TRP B 53 -33.34 -1.58 -20.14
N GLY B 54 -33.90 -1.65 -21.34
CA GLY B 54 -34.34 -0.48 -22.07
C GLY B 54 -33.27 0.25 -22.84
N CYS B 55 -32.05 -0.28 -22.88
CA CYS B 55 -31.00 0.36 -23.68
C CYS B 55 -31.03 -0.16 -25.11
N PRO B 56 -30.62 0.66 -26.07
CA PRO B 56 -30.54 0.19 -27.46
C PRO B 56 -29.41 -0.82 -27.62
N MET B 57 -29.47 -1.53 -28.76
CA MET B 57 -28.31 -2.33 -29.17
C MET B 57 -27.12 -1.41 -29.37
N THR B 58 -25.97 -1.81 -28.83
CA THR B 58 -24.80 -0.95 -28.89
C THR B 58 -24.24 -0.92 -30.30
N THR B 59 -23.81 0.26 -30.74
CA THR B 59 -23.20 0.42 -32.05
C THR B 59 -21.85 1.08 -31.91
N LYS B 60 -20.99 0.86 -32.90
CA LYS B 60 -19.71 1.56 -32.91
C LYS B 60 -19.92 3.07 -32.93
N ALA B 61 -20.97 3.53 -33.62
CA ALA B 61 -21.21 4.97 -33.68
C ALA B 61 -21.44 5.56 -32.29
N MET B 62 -22.04 4.79 -31.39
CA MET B 62 -22.18 5.24 -30.01
C MET B 62 -20.82 5.47 -29.37
N ILE B 63 -19.91 4.51 -29.52
CA ILE B 63 -18.59 4.62 -28.92
C ILE B 63 -17.78 5.73 -29.59
N ASP B 64 -17.92 5.87 -30.92
CA ASP B 64 -17.32 7.00 -31.62
C ASP B 64 -17.72 8.33 -30.98
N LYS B 65 -19.01 8.48 -30.65
CA LYS B 65 -19.48 9.73 -30.03
C LYS B 65 -18.86 9.91 -28.65
N VAL B 66 -18.84 8.84 -27.86
CA VAL B 66 -18.19 8.89 -26.54
C VAL B 66 -16.78 9.42 -26.66
N LYS B 67 -16.02 8.89 -27.62
CA LYS B 67 -14.65 9.36 -27.82
C LYS B 67 -14.61 10.81 -28.27
N GLU B 68 -15.53 11.20 -29.17
CA GLU B 68 -15.54 12.59 -29.62
C GLU B 68 -15.83 13.56 -28.48
N GLY B 69 -16.53 13.10 -27.45
CA GLY B 69 -16.89 13.98 -26.35
C GLY B 69 -15.81 14.20 -25.33
N GLY B 70 -14.72 13.44 -25.41
CA GLY B 70 -13.58 13.70 -24.55
C GLY B 70 -13.11 12.52 -23.74
N PHE B 71 -13.82 11.40 -23.80
CA PHE B 71 -13.40 10.19 -23.11
C PHE B 71 -12.46 9.37 -23.98
N ASN B 72 -11.48 8.71 -23.36
CA ASN B 72 -10.60 7.80 -24.09
C ASN B 72 -10.57 6.40 -23.47
N THR B 73 -11.52 6.10 -22.58
CA THR B 73 -11.61 4.82 -21.88
C THR B 73 -13.09 4.46 -21.73
N VAL B 74 -13.41 3.20 -22.02
CA VAL B 74 -14.77 2.68 -21.82
C VAL B 74 -14.68 1.44 -20.94
N ARG B 75 -15.40 1.47 -19.82
CA ARG B 75 -15.66 0.28 -19.02
C ARG B 75 -16.90 -0.40 -19.57
N VAL B 76 -16.76 -1.69 -19.89
CA VAL B 76 -17.84 -2.51 -20.42
C VAL B 76 -18.26 -3.45 -19.30
N PRO B 77 -19.22 -3.09 -18.45
CA PRO B 77 -19.70 -4.03 -17.43
C PRO B 77 -20.46 -5.17 -18.07
N VAL B 78 -20.14 -6.41 -17.69
CA VAL B 78 -20.72 -7.60 -18.30
C VAL B 78 -21.20 -8.54 -17.21
N SER B 79 -22.49 -8.87 -17.24
CA SER B 79 -23.04 -9.91 -16.40
C SER B 79 -23.06 -11.20 -17.20
N TRP B 80 -22.39 -12.23 -16.68
CA TRP B 80 -22.20 -13.51 -17.37
C TRP B 80 -23.15 -14.58 -16.89
N ILE B 81 -23.80 -14.38 -15.74
CA ILE B 81 -24.53 -15.46 -15.07
C ILE B 81 -25.58 -16.09 -16.00
N ASP B 82 -26.36 -15.27 -16.70
CA ASP B 82 -27.42 -15.84 -17.54
C ASP B 82 -26.88 -16.50 -18.80
N HIS B 83 -25.58 -16.39 -19.03
CA HIS B 83 -24.89 -16.96 -20.19
C HIS B 83 -23.91 -18.05 -19.79
N THR B 84 -23.97 -18.51 -18.54
CA THR B 84 -23.05 -19.51 -18.02
C THR B 84 -23.80 -20.81 -17.75
N GLY B 85 -23.23 -21.91 -18.21
CA GLY B 85 -23.87 -23.20 -18.11
C GLY B 85 -23.72 -23.82 -16.74
N SER B 86 -24.26 -25.03 -16.63
CA SER B 86 -24.34 -25.72 -15.36
C SER B 86 -22.95 -26.00 -14.80
N ALA B 87 -22.88 -26.09 -13.47
CA ALA B 87 -21.69 -26.57 -12.80
C ALA B 87 -21.42 -28.03 -13.20
N PRO B 88 -20.13 -28.46 -13.21
CA PRO B 88 -18.94 -27.70 -12.83
C PRO B 88 -18.13 -27.11 -13.98
N GLU B 89 -18.57 -27.31 -15.22
CA GLU B 89 -17.82 -26.79 -16.35
C GLU B 89 -18.04 -25.29 -16.52
N TYR B 90 -19.27 -24.83 -16.25
CA TYR B 90 -19.62 -23.41 -16.33
C TYR B 90 -19.30 -22.83 -17.70
N GLN B 91 -19.65 -23.57 -18.75
CA GLN B 91 -19.34 -23.14 -20.10
C GLN B 91 -20.10 -21.88 -20.46
N ILE B 92 -19.38 -20.87 -20.96
CA ILE B 92 -20.02 -19.62 -21.37
C ILE B 92 -20.54 -19.76 -22.79
N ASP B 93 -21.79 -19.33 -22.99
CA ASP B 93 -22.42 -19.37 -24.30
C ASP B 93 -21.54 -18.70 -25.35
N GLU B 94 -21.28 -19.41 -26.45
CA GLU B 94 -20.38 -18.87 -27.46
C GLU B 94 -20.94 -17.60 -28.07
N ALA B 95 -22.24 -17.57 -28.34
CA ALA B 95 -22.83 -16.37 -28.95
C ALA B 95 -22.62 -15.16 -28.06
N TRP B 96 -22.70 -15.34 -26.75
CA TRP B 96 -22.48 -14.23 -25.84
C TRP B 96 -21.04 -13.77 -25.86
N MET B 97 -20.09 -14.72 -25.79
CA MET B 97 -18.68 -14.32 -25.87
C MET B 97 -18.42 -13.55 -27.15
N ASN B 98 -19.03 -13.96 -28.26
CA ASN B 98 -18.87 -13.27 -29.52
C ASN B 98 -19.38 -11.83 -29.43
N ARG B 99 -20.55 -11.63 -28.85
CA ARG B 99 -21.11 -10.29 -28.76
C ARG B 99 -20.25 -9.41 -27.86
N VAL B 100 -19.84 -9.93 -26.69
CA VAL B 100 -18.98 -9.16 -25.80
C VAL B 100 -17.72 -8.72 -26.55
N GLN B 101 -17.15 -9.61 -27.36
CA GLN B 101 -15.95 -9.25 -28.11
C GLN B 101 -16.26 -8.18 -29.15
N GLU B 102 -17.42 -8.27 -29.80
CA GLU B 102 -17.81 -7.23 -30.76
C GLU B 102 -17.83 -5.85 -30.11
N VAL B 103 -18.38 -5.76 -28.90
CA VAL B 103 -18.51 -4.49 -28.20
C VAL B 103 -17.15 -4.01 -27.70
N VAL B 104 -16.36 -4.93 -27.15
CA VAL B 104 -14.98 -4.60 -26.78
C VAL B 104 -14.22 -4.05 -27.97
N ASN B 105 -14.47 -4.60 -29.16
CA ASN B 105 -13.73 -4.14 -30.34
C ASN B 105 -14.18 -2.74 -30.77
N TYR B 106 -15.44 -2.37 -30.55
CA TYR B 106 -15.85 -0.99 -30.81
C TYR B 106 -14.91 -0.02 -30.08
N VAL B 107 -14.53 -0.40 -28.85
CA VAL B 107 -13.66 0.44 -28.02
C VAL B 107 -12.21 0.31 -28.46
N ILE B 108 -11.71 -0.92 -28.54
CA ILE B 108 -10.31 -1.18 -28.90
C ILE B 108 -9.98 -0.60 -30.26
N ASP B 109 -10.86 -0.80 -31.25
CA ASP B 109 -10.64 -0.28 -32.60
C ASP B 109 -10.63 1.24 -32.65
N ASN B 110 -11.20 1.91 -31.66
CA ASN B 110 -11.15 3.36 -31.55
C ASN B 110 -9.87 3.84 -30.88
N ASP B 111 -8.90 2.94 -30.69
CA ASP B 111 -7.64 3.27 -30.00
C ASP B 111 -7.91 3.76 -28.57
N MET B 112 -8.92 3.16 -27.93
CA MET B 112 -9.30 3.51 -26.58
C MET B 112 -8.87 2.42 -25.61
N TYR B 113 -8.77 2.81 -24.34
CA TYR B 113 -8.64 1.84 -23.27
C TYR B 113 -9.99 1.25 -22.92
N CYS B 114 -9.99 -0.03 -22.55
CA CYS B 114 -11.24 -0.74 -22.33
C CYS B 114 -11.08 -1.64 -21.10
N ILE B 115 -12.06 -1.59 -20.21
CA ILE B 115 -12.07 -2.39 -18.99
C ILE B 115 -13.21 -3.39 -19.10
N LEU B 116 -12.87 -4.67 -18.99
CA LEU B 116 -13.84 -5.77 -19.10
C LEU B 116 -13.93 -6.48 -17.76
N ASN B 117 -15.16 -6.61 -17.23
CA ASN B 117 -15.31 -7.23 -15.93
C ASN B 117 -16.32 -8.38 -15.94
N ILE B 118 -16.63 -8.90 -14.76
CA ILE B 118 -17.87 -9.62 -14.48
C ILE B 118 -18.64 -8.75 -13.50
N HIS B 119 -19.98 -8.66 -13.68
CA HIS B 119 -20.73 -7.62 -13.01
C HIS B 119 -21.75 -8.23 -12.07
N HIS B 120 -23.04 -8.34 -12.44
CA HIS B 120 -24.08 -8.75 -11.49
C HIS B 120 -24.07 -10.28 -11.37
N GLU B 121 -23.03 -10.79 -10.70
CA GLU B 121 -22.84 -12.22 -10.50
C GLU B 121 -23.23 -12.65 -9.09
N ASN B 122 -23.94 -11.79 -8.36
CA ASN B 122 -24.06 -11.94 -6.91
C ASN B 122 -24.88 -13.15 -6.52
N ASP B 123 -25.75 -13.66 -7.40
CA ASP B 123 -26.55 -14.82 -7.04
C ASP B 123 -25.67 -16.00 -6.64
N TRP B 124 -24.47 -16.08 -7.17
CA TRP B 124 -23.52 -17.12 -6.78
C TRP B 124 -22.25 -16.59 -6.14
N LEU B 125 -21.81 -15.38 -6.50
CA LEU B 125 -20.55 -14.81 -6.00
C LEU B 125 -20.81 -14.26 -4.60
N ILE B 126 -20.86 -15.18 -3.64
CA ILE B 126 -21.25 -14.90 -2.26
C ILE B 126 -20.00 -14.95 -1.41
N PRO B 127 -19.68 -13.86 -0.65
CA PRO B 127 -18.45 -13.83 0.17
C PRO B 127 -18.65 -14.42 1.56
N THR B 128 -18.70 -15.74 1.64
CA THR B 128 -18.77 -16.44 2.92
C THR B 128 -17.86 -17.66 2.88
N ASN B 129 -17.38 -18.08 4.06
CA ASN B 129 -16.55 -19.26 4.12
C ASN B 129 -17.27 -20.47 3.54
N ALA B 130 -18.59 -20.55 3.75
CA ALA B 130 -19.36 -21.70 3.29
C ALA B 130 -19.38 -21.79 1.77
N GLN B 131 -19.29 -20.67 1.06
CA GLN B 131 -19.31 -20.70 -0.39
C GLN B 131 -17.93 -20.58 -1.03
N LYS B 132 -16.90 -20.28 -0.25
CA LYS B 132 -15.62 -19.85 -0.78
C LYS B 132 -15.07 -20.80 -1.84
N ASP B 133 -15.00 -22.10 -1.54
CA ASP B 133 -14.39 -23.02 -2.48
C ASP B 133 -15.18 -23.08 -3.78
N SER B 134 -16.50 -23.20 -3.67
CA SER B 134 -17.35 -23.24 -4.86
C SER B 134 -17.19 -21.98 -5.71
N VAL B 135 -17.10 -20.81 -5.08
CA VAL B 135 -17.01 -19.57 -5.84
C VAL B 135 -15.65 -19.44 -6.50
N ASN B 136 -14.58 -19.76 -5.78
CA ASN B 136 -13.24 -19.75 -6.38
C ASN B 136 -13.15 -20.66 -7.59
N ALA B 137 -13.79 -21.83 -7.52
CA ALA B 137 -13.76 -22.75 -8.66
C ALA B 137 -14.51 -22.17 -9.85
N ARG B 138 -15.64 -21.51 -9.61
CA ARG B 138 -16.36 -20.87 -10.69
C ARG B 138 -15.60 -19.67 -11.23
N LEU B 139 -14.98 -18.87 -10.34
CA LEU B 139 -14.15 -17.76 -10.82
C LEU B 139 -13.03 -18.28 -11.72
N ASP B 140 -12.37 -19.38 -11.33
CA ASP B 140 -11.33 -19.92 -12.18
C ASP B 140 -11.89 -20.35 -13.53
N ALA B 141 -13.06 -20.99 -13.51
CA ALA B 141 -13.61 -21.54 -14.75
C ALA B 141 -14.00 -20.44 -15.72
N ILE B 142 -14.64 -19.38 -15.24
CA ILE B 142 -15.08 -18.37 -16.18
C ILE B 142 -13.94 -17.45 -16.58
N TRP B 143 -13.04 -17.13 -15.64
CA TRP B 143 -11.95 -16.22 -16.02
C TRP B 143 -10.93 -16.92 -16.92
N THR B 144 -10.76 -18.24 -16.79
CA THR B 144 -9.97 -18.96 -17.77
C THR B 144 -10.54 -18.75 -19.17
N GLN B 145 -11.86 -18.89 -19.32
CA GLN B 145 -12.48 -18.74 -20.63
C GLN B 145 -12.35 -17.31 -21.15
N ILE B 146 -12.63 -16.32 -20.31
CA ILE B 146 -12.61 -14.92 -20.75
C ILE B 146 -11.18 -14.51 -21.11
N ALA B 147 -10.24 -14.77 -20.21
CA ALA B 147 -8.84 -14.45 -20.46
C ALA B 147 -8.32 -15.14 -21.71
N THR B 148 -8.79 -16.37 -21.98
CA THR B 148 -8.35 -17.05 -23.19
C THR B 148 -8.90 -16.37 -24.45
N ARG B 149 -10.19 -16.01 -24.45
CA ARG B 149 -10.74 -15.37 -25.64
C ARG B 149 -10.02 -14.07 -25.96
N PHE B 150 -9.67 -13.29 -24.94
CA PHE B 150 -9.10 -11.96 -25.09
C PHE B 150 -7.61 -11.91 -24.82
N GLY B 151 -6.93 -13.06 -24.87
CA GLY B 151 -5.54 -13.14 -24.45
C GLY B 151 -4.57 -12.42 -25.34
N SER B 152 -4.94 -12.14 -26.59
CA SER B 152 -3.99 -11.54 -27.53
C SER B 152 -4.17 -10.04 -27.69
N TYR B 153 -5.11 -9.42 -26.95
CA TYR B 153 -5.24 -7.97 -26.96
C TYR B 153 -4.05 -7.34 -26.24
N ASP B 154 -3.78 -6.07 -26.56
CA ASP B 154 -2.58 -5.43 -26.01
C ASP B 154 -2.95 -4.69 -24.72
N GLU B 155 -2.09 -3.74 -24.31
CA GLU B 155 -2.20 -3.09 -23.01
C GLU B 155 -3.46 -2.25 -22.88
N HIS B 156 -4.15 -1.95 -23.97
CA HIS B 156 -5.36 -1.14 -23.88
C HIS B 156 -6.53 -1.91 -23.27
N LEU B 157 -6.44 -3.24 -23.19
CA LEU B 157 -7.50 -4.05 -22.58
C LEU B 157 -7.10 -4.42 -21.16
N ILE B 158 -7.94 -4.01 -20.20
CA ILE B 158 -7.76 -4.31 -18.78
C ILE B 158 -8.86 -5.28 -18.37
N PHE B 159 -8.50 -6.29 -17.57
CA PHE B 159 -9.49 -7.18 -16.98
C PHE B 159 -9.76 -6.74 -15.55
N GLU B 160 -11.04 -6.69 -15.18
CA GLU B 160 -11.45 -6.37 -13.81
C GLU B 160 -12.20 -7.57 -13.25
N GLY B 161 -11.70 -8.11 -12.13
CA GLY B 161 -12.08 -9.46 -11.71
C GLY B 161 -13.47 -9.59 -11.14
N MET B 162 -13.96 -8.54 -10.50
CA MET B 162 -15.29 -8.52 -9.91
C MET B 162 -15.80 -7.09 -9.88
N ASN B 163 -17.09 -6.93 -9.56
CA ASN B 163 -17.68 -5.61 -9.51
C ASN B 163 -17.87 -5.10 -8.09
N GLN B 164 -18.95 -5.51 -7.42
CA GLN B 164 -19.27 -5.04 -6.08
C GLN B 164 -19.60 -6.23 -5.18
N PRO B 165 -18.63 -7.13 -4.95
CA PRO B 165 -18.91 -8.33 -4.14
C PRO B 165 -19.29 -7.95 -2.71
N ARG B 166 -20.35 -8.56 -2.22
CA ARG B 166 -20.96 -8.11 -0.97
C ARG B 166 -21.91 -9.16 -0.44
N LEU B 167 -22.42 -8.91 0.76
CA LEU B 167 -23.40 -9.79 1.41
C LEU B 167 -24.80 -9.25 1.13
N VAL B 168 -25.41 -9.73 0.05
CA VAL B 168 -26.72 -9.23 -0.34
C VAL B 168 -27.78 -9.58 0.71
N GLY B 169 -28.62 -8.61 1.04
CA GLY B 169 -29.65 -8.78 2.03
C GLY B 169 -29.21 -8.61 3.46
N ASP B 170 -27.91 -8.65 3.74
CA ASP B 170 -27.43 -8.46 5.08
C ASP B 170 -27.76 -7.05 5.56
N PRO B 171 -28.03 -6.87 6.86
CA PRO B 171 -28.26 -5.51 7.37
C PRO B 171 -27.12 -4.57 7.05
N ASN B 172 -25.91 -5.09 6.87
CA ASN B 172 -24.74 -4.29 6.55
C ASN B 172 -24.24 -4.54 5.12
N GLU B 173 -25.14 -4.93 4.22
CA GLU B 173 -24.75 -5.15 2.83
C GLU B 173 -23.92 -3.99 2.29
N TRP B 174 -24.40 -2.76 2.46
CA TRP B 174 -23.70 -1.58 1.96
C TRP B 174 -22.97 -0.84 3.08
N ASN B 175 -22.64 -1.53 4.16
CA ASN B 175 -21.91 -0.94 5.28
C ASN B 175 -20.76 -1.84 5.69
N GLY B 176 -20.09 -2.44 4.70
CA GLY B 176 -18.89 -3.19 4.95
C GLY B 176 -19.08 -4.67 5.23
N GLY B 177 -20.33 -5.14 5.29
CA GLY B 177 -20.54 -6.55 5.55
C GLY B 177 -20.00 -6.94 6.91
N ASN B 178 -19.31 -8.08 6.95
CA ASN B 178 -18.61 -8.52 8.15
C ASN B 178 -17.18 -8.89 7.81
N GLN B 179 -16.39 -9.19 8.85
CA GLN B 179 -14.98 -9.46 8.61
C GLN B 179 -14.79 -10.68 7.71
N GLU B 180 -15.62 -11.72 7.92
CA GLU B 180 -15.55 -12.90 7.08
C GLU B 180 -15.73 -12.55 5.60
N ALA B 181 -16.74 -11.74 5.30
CA ALA B 181 -16.98 -11.36 3.92
C ALA B 181 -15.77 -10.62 3.34
N ARG B 182 -15.25 -9.65 4.09
CA ARG B 182 -14.12 -8.87 3.58
C ARG B 182 -12.88 -9.74 3.39
N GLN B 183 -12.69 -10.75 4.25
CA GLN B 183 -11.51 -11.59 4.12
C GLN B 183 -11.65 -12.56 2.95
N VAL B 184 -12.86 -13.10 2.74
CA VAL B 184 -13.06 -14.05 1.65
C VAL B 184 -12.93 -13.36 0.30
N ILE B 185 -13.32 -12.08 0.20
CA ILE B 185 -13.14 -11.38 -1.07
C ILE B 185 -11.66 -11.26 -1.43
N ASN B 186 -10.77 -11.21 -0.44
CA ASN B 186 -9.34 -11.22 -0.74
C ASN B 186 -8.95 -12.50 -1.47
N SER B 187 -9.54 -13.63 -1.07
CA SER B 187 -9.27 -14.90 -1.74
C SER B 187 -9.80 -14.90 -3.17
N TYR B 188 -10.99 -14.32 -3.37
CA TYR B 188 -11.55 -14.23 -4.71
C TYR B 188 -10.67 -13.40 -5.64
N ASN B 189 -10.17 -12.26 -5.14
CA ASN B 189 -9.29 -11.42 -5.95
C ASN B 189 -7.99 -12.15 -6.29
N GLN B 190 -7.44 -12.89 -5.33
CA GLN B 190 -6.23 -13.67 -5.60
C GLN B 190 -6.47 -14.72 -6.67
N THR B 191 -7.60 -15.42 -6.60
CA THR B 191 -7.91 -16.43 -7.60
C THR B 191 -8.05 -15.81 -8.99
N PHE B 192 -8.73 -14.68 -9.09
CA PHE B 192 -8.81 -13.96 -10.37
C PHE B 192 -7.40 -13.73 -10.92
N VAL B 193 -6.54 -13.09 -10.13
CA VAL B 193 -5.19 -12.80 -10.59
C VAL B 193 -4.47 -14.09 -11.00
N ASN B 194 -4.48 -15.11 -10.13
CA ASN B 194 -3.81 -16.36 -10.47
C ASN B 194 -4.32 -16.93 -11.78
N THR B 195 -5.65 -16.91 -11.98
CA THR B 195 -6.25 -17.54 -13.16
C THR B 195 -5.80 -16.85 -14.44
N VAL B 196 -5.81 -15.52 -14.42
CA VAL B 196 -5.40 -14.78 -15.61
C VAL B 196 -3.92 -15.03 -15.89
N ARG B 197 -3.06 -14.90 -14.87
CA ARG B 197 -1.63 -15.06 -15.10
C ARG B 197 -1.30 -16.46 -15.62
N ALA B 198 -2.08 -17.47 -15.23
CA ALA B 198 -1.79 -18.84 -15.66
C ALA B 198 -1.95 -19.04 -17.16
N THR B 199 -2.70 -18.16 -17.85
CA THR B 199 -2.89 -18.34 -19.28
C THR B 199 -1.70 -17.85 -20.09
N GLY B 200 -0.81 -17.05 -19.51
CA GLY B 200 0.41 -16.67 -20.19
C GLY B 200 0.20 -15.65 -21.28
N GLY B 201 1.18 -15.57 -22.17
CA GLY B 201 1.09 -14.63 -23.29
C GLY B 201 0.99 -13.20 -22.82
N ASN B 202 0.20 -12.41 -23.56
CA ASN B 202 -0.01 -11.01 -23.20
C ASN B 202 -0.68 -10.88 -21.84
N ASN B 203 -1.42 -11.92 -21.42
CA ASN B 203 -2.06 -11.87 -20.11
C ASN B 203 -1.05 -11.94 -18.97
N ALA B 204 0.20 -12.31 -19.27
CA ALA B 204 1.23 -12.32 -18.23
C ALA B 204 1.55 -10.92 -17.73
N ILE B 205 1.33 -9.89 -18.56
CA ILE B 205 1.75 -8.53 -18.22
C ILE B 205 0.61 -7.54 -18.35
N ARG B 206 -0.60 -8.05 -18.59
CA ARG B 206 -1.77 -7.18 -18.64
C ARG B 206 -2.04 -6.57 -17.28
N CYS B 207 -2.54 -5.34 -17.28
CA CYS B 207 -2.96 -4.71 -16.03
C CYS B 207 -4.31 -5.26 -15.61
N LEU B 208 -4.46 -5.49 -14.31
CA LEU B 208 -5.65 -6.13 -13.74
C LEU B 208 -6.21 -5.25 -12.64
N MET B 209 -7.52 -5.32 -12.46
CA MET B 209 -8.26 -4.41 -11.60
C MET B 209 -9.06 -5.23 -10.60
N VAL B 210 -9.03 -4.83 -9.33
CA VAL B 210 -9.80 -5.54 -8.31
C VAL B 210 -10.55 -4.58 -7.41
N PRO B 211 -11.74 -4.96 -6.93
CA PRO B 211 -12.46 -4.09 -6.00
C PRO B 211 -12.24 -4.50 -4.55
N THR B 212 -12.54 -3.57 -3.66
CA THR B 212 -12.77 -3.84 -2.25
C THR B 212 -14.15 -4.47 -2.07
N TYR B 213 -14.51 -4.76 -0.82
CA TYR B 213 -15.89 -5.08 -0.50
C TYR B 213 -16.82 -4.01 -1.07
N ALA B 214 -17.79 -4.42 -1.87
CA ALA B 214 -18.77 -3.53 -2.51
C ALA B 214 -18.12 -2.40 -3.31
N ALA B 215 -16.86 -2.58 -3.71
CA ALA B 215 -16.06 -1.50 -4.30
C ALA B 215 -16.15 -0.23 -3.46
N SER B 216 -16.27 -0.38 -2.14
CA SER B 216 -16.42 0.75 -1.25
C SER B 216 -15.10 1.11 -0.57
N CYS B 217 -14.89 2.41 -0.38
CA CYS B 217 -13.78 2.91 0.42
C CYS B 217 -14.32 3.41 1.76
N SER B 218 -14.00 2.66 2.83
CA SER B 218 -14.27 3.07 4.20
C SER B 218 -13.20 2.44 5.06
N SER B 219 -13.04 2.97 6.29
CA SER B 219 -12.06 2.39 7.20
C SER B 219 -12.20 0.87 7.28
N THR B 220 -13.44 0.39 7.38
CA THR B 220 -13.70 -1.02 7.55
C THR B 220 -13.25 -1.82 6.33
N THR B 221 -13.68 -1.42 5.13
CA THR B 221 -13.33 -2.21 3.96
C THR B 221 -11.85 -2.10 3.62
N VAL B 222 -11.22 -0.97 3.95
CA VAL B 222 -9.81 -0.79 3.64
C VAL B 222 -8.93 -1.57 4.61
N ASN B 223 -9.25 -1.51 5.90
CA ASN B 223 -8.43 -2.19 6.90
C ASN B 223 -8.22 -3.66 6.56
N ASP B 224 -9.26 -4.34 6.09
CA ASP B 224 -9.21 -5.77 5.86
C ASP B 224 -8.78 -6.14 4.44
N PHE B 225 -8.58 -5.16 3.57
CA PHE B 225 -8.19 -5.43 2.20
C PHE B 225 -6.75 -5.93 2.12
N VAL B 226 -6.54 -6.98 1.34
CA VAL B 226 -5.21 -7.52 1.10
C VAL B 226 -4.97 -7.49 -0.41
N LEU B 227 -3.97 -6.73 -0.82
CA LEU B 227 -3.62 -6.68 -2.23
C LEU B 227 -3.17 -8.08 -2.68
N PRO B 228 -3.73 -8.60 -3.77
CA PRO B 228 -3.29 -9.92 -4.24
C PRO B 228 -1.80 -9.96 -4.54
N THR B 229 -1.21 -11.13 -4.33
CA THR B 229 0.17 -11.39 -4.72
C THR B 229 0.23 -11.72 -6.20
N ASP B 230 0.99 -10.95 -6.96
CA ASP B 230 1.06 -11.06 -8.41
C ASP B 230 2.37 -11.73 -8.84
N THR B 231 2.40 -12.15 -10.11
CA THR B 231 3.56 -12.78 -10.71
C THR B 231 4.52 -11.76 -11.31
N VAL B 232 4.04 -10.54 -11.56
CA VAL B 232 4.83 -9.43 -12.09
C VAL B 232 4.56 -8.22 -11.22
N ALA B 233 5.49 -7.28 -11.24
CA ALA B 233 5.39 -6.08 -10.41
C ALA B 233 4.52 -5.01 -11.06
N ASN B 234 3.69 -4.37 -10.24
CA ASN B 234 3.10 -3.06 -10.53
C ASN B 234 2.14 -3.10 -11.70
N LYS B 235 1.28 -4.13 -11.71
CA LYS B 235 0.26 -4.29 -12.72
C LYS B 235 -1.17 -4.28 -12.16
N LEU B 236 -1.34 -4.02 -10.88
CA LEU B 236 -2.66 -4.12 -10.26
C LEU B 236 -3.24 -2.74 -9.94
N ILE B 237 -4.56 -2.66 -10.01
CA ILE B 237 -5.31 -1.43 -9.81
C ILE B 237 -6.52 -1.72 -8.94
N VAL B 238 -6.77 -0.88 -7.94
CA VAL B 238 -7.99 -1.04 -7.16
C VAL B 238 -9.07 -0.15 -7.73
N ASP B 239 -10.28 -0.68 -7.79
CA ASP B 239 -11.45 0.03 -8.29
C ASP B 239 -12.34 0.41 -7.09
N ILE B 240 -12.60 1.70 -6.95
CA ILE B 240 -13.52 2.23 -5.96
C ILE B 240 -14.65 2.94 -6.68
N HIS B 241 -15.87 2.72 -6.22
CA HIS B 241 -17.07 3.38 -6.72
C HIS B 241 -17.49 4.40 -5.67
N SER B 242 -17.64 5.66 -6.08
CA SER B 242 -17.88 6.72 -5.09
C SER B 242 -18.89 7.72 -5.68
N TYR B 243 -20.17 7.42 -5.50
CA TYR B 243 -21.27 8.32 -5.89
C TYR B 243 -21.47 9.28 -4.71
N SER B 244 -20.60 10.29 -4.63
CA SER B 244 -20.46 11.11 -3.44
C SER B 244 -20.69 12.58 -3.77
N PRO B 245 -21.35 13.35 -2.87
CA PRO B 245 -21.93 12.89 -1.61
C PRO B 245 -23.22 12.11 -1.85
N TYR B 246 -23.50 11.12 -1.01
CA TYR B 246 -24.59 10.18 -1.28
C TYR B 246 -25.92 10.90 -1.47
N ASN B 247 -26.33 11.71 -0.49
CA ASN B 247 -27.66 12.30 -0.52
C ASN B 247 -27.93 13.00 -1.85
N PHE B 248 -26.91 13.70 -2.37
CA PHE B 248 -27.06 14.46 -3.60
C PHE B 248 -26.93 13.57 -4.84
N ALA B 249 -25.91 12.70 -4.85
CA ALA B 249 -25.50 12.05 -6.09
C ALA B 249 -26.18 10.72 -6.34
N LEU B 250 -26.48 9.94 -5.28
CA LEU B 250 -27.03 8.60 -5.46
C LEU B 250 -28.39 8.40 -4.81
N ASN B 251 -28.75 9.19 -3.80
CA ASN B 251 -30.05 9.07 -3.15
C ASN B 251 -31.12 9.73 -4.04
N THR B 252 -32.09 8.92 -4.48
CA THR B 252 -33.12 9.44 -5.37
C THR B 252 -34.10 10.36 -4.64
N SER B 253 -34.12 10.33 -3.31
CA SER B 253 -34.96 11.21 -2.52
C SER B 253 -34.15 12.18 -1.67
N GLY B 254 -32.84 12.29 -1.91
CA GLY B 254 -32.01 13.25 -1.23
C GLY B 254 -31.98 14.59 -1.96
N THR B 255 -31.25 15.53 -1.36
CA THR B 255 -31.24 16.90 -1.85
C THR B 255 -30.84 16.97 -3.32
N SER B 256 -31.29 18.03 -3.98
CA SER B 256 -30.85 18.38 -5.33
C SER B 256 -29.94 19.58 -5.34
N SER B 257 -29.53 20.06 -4.16
CA SER B 257 -28.66 21.22 -4.04
C SER B 257 -27.24 20.76 -3.72
N PHE B 258 -26.28 21.27 -4.49
CA PHE B 258 -24.87 21.15 -4.16
C PHE B 258 -24.31 22.55 -3.99
N THR B 259 -23.98 22.92 -2.76
CA THR B 259 -23.56 24.27 -2.42
C THR B 259 -22.08 24.28 -2.03
N GLN B 260 -21.54 25.49 -1.91
CA GLN B 260 -20.15 25.64 -1.50
C GLN B 260 -19.87 24.85 -0.23
N SER B 261 -20.84 24.78 0.68
CA SER B 261 -20.63 24.12 1.96
C SER B 261 -20.49 22.60 1.83
N ASP B 262 -20.88 22.01 0.69
CA ASP B 262 -20.75 20.57 0.50
C ASP B 262 -19.42 20.17 -0.10
N ILE B 263 -18.60 21.13 -0.55
CA ILE B 263 -17.34 20.80 -1.19
C ILE B 263 -16.37 20.19 -0.19
N SER B 264 -16.33 20.70 1.04
CA SER B 264 -15.41 20.17 2.04
C SER B 264 -15.65 18.69 2.29
N GLN B 265 -16.92 18.26 2.32
CA GLN B 265 -17.21 16.86 2.57
C GLN B 265 -16.78 16.00 1.39
N LEU B 266 -17.09 16.43 0.17
CA LEU B 266 -16.62 15.72 -1.01
C LEU B 266 -15.10 15.62 -1.03
N GLN B 267 -14.42 16.72 -0.67
CA GLN B 267 -12.96 16.70 -0.65
CA GLN B 267 -12.96 16.72 -0.63
C GLN B 267 -12.45 15.65 0.32
N TRP B 268 -13.01 15.58 1.52
CA TRP B 268 -12.57 14.58 2.49
C TRP B 268 -12.85 13.17 1.97
N THR B 269 -14.00 12.97 1.34
CA THR B 269 -14.35 11.64 0.83
C THR B 269 -13.33 11.15 -0.19
N LEU B 270 -12.99 12.01 -1.16
CA LEU B 270 -12.07 11.59 -2.21
C LEU B 270 -10.63 11.53 -1.71
N GLN B 271 -10.28 12.39 -0.75
CA GLN B 271 -8.95 12.30 -0.15
C GLN B 271 -8.78 10.98 0.59
N GLU B 272 -9.87 10.42 1.13
CA GLU B 272 -9.79 9.11 1.77
C GLU B 272 -9.40 8.03 0.77
N ILE B 273 -9.95 8.10 -0.44
CA ILE B 273 -9.56 7.16 -1.48
C ILE B 273 -8.07 7.25 -1.75
N TYR B 274 -7.53 8.47 -1.83
CA TYR B 274 -6.10 8.61 -2.07
C TYR B 274 -5.28 8.10 -0.90
N ASN B 275 -5.67 8.48 0.32
CA ASN B 275 -4.91 8.05 1.50
C ASN B 275 -4.91 6.54 1.64
N SER B 276 -5.99 5.88 1.20
CA SER B 276 -6.14 4.45 1.41
C SER B 276 -5.33 3.62 0.42
N PHE B 277 -5.21 4.10 -0.83
CA PHE B 277 -4.56 3.32 -1.87
C PHE B 277 -3.42 4.08 -2.53
N GLY B 278 -3.68 5.19 -3.22
CA GLY B 278 -2.62 5.83 -3.99
C GLY B 278 -1.45 6.28 -3.14
N ALA B 279 -1.74 6.84 -1.96
CA ALA B 279 -0.68 7.24 -1.05
C ALA B 279 0.13 6.04 -0.57
N LYS B 280 -0.44 4.84 -0.62
CA LYS B 280 0.27 3.65 -0.18
C LYS B 280 0.91 2.89 -1.35
N GLY B 281 1.00 3.51 -2.52
CA GLY B 281 1.61 2.85 -3.67
C GLY B 281 0.71 1.90 -4.42
N ILE B 282 -0.59 1.90 -4.12
CA ILE B 282 -1.55 1.08 -4.85
C ILE B 282 -2.27 1.99 -5.83
N PRO B 283 -2.08 1.83 -7.14
CA PRO B 283 -2.88 2.60 -8.10
C PRO B 283 -4.36 2.34 -7.87
N VAL B 284 -5.16 3.40 -7.97
CA VAL B 284 -6.59 3.33 -7.70
C VAL B 284 -7.31 4.19 -8.73
N ILE B 285 -8.46 3.70 -9.20
CA ILE B 285 -9.30 4.39 -10.17
C ILE B 285 -10.69 4.49 -9.56
N ILE B 286 -11.41 5.56 -9.88
CA ILE B 286 -12.83 5.65 -9.53
C ILE B 286 -13.58 5.11 -10.74
N GLY B 287 -13.88 3.82 -10.72
CA GLY B 287 -14.45 3.11 -11.84
C GLY B 287 -15.92 3.38 -12.07
N GLN B 288 -16.61 3.91 -11.06
CA GLN B 288 -17.97 4.38 -11.23
C GLN B 288 -18.13 5.64 -10.39
N PHE B 289 -18.66 6.69 -11.00
CA PHE B 289 -19.21 7.82 -10.28
C PHE B 289 -20.27 8.48 -11.14
N GLY B 290 -21.05 9.34 -10.51
CA GLY B 290 -22.09 10.08 -11.20
C GLY B 290 -22.97 10.79 -10.20
N ALA B 291 -23.83 11.65 -10.72
CA ALA B 291 -24.85 12.36 -9.96
C ALA B 291 -26.14 12.23 -10.74
N LEU B 292 -27.18 11.70 -10.11
CA LEU B 292 -28.38 11.44 -10.90
C LEU B 292 -29.14 12.73 -11.15
N ASN B 293 -29.88 12.73 -12.25
CA ASN B 293 -30.62 13.92 -12.70
C ASN B 293 -31.79 14.17 -11.76
N LYS B 294 -31.76 15.30 -11.06
CA LYS B 294 -32.87 15.75 -10.24
C LYS B 294 -33.39 17.09 -10.75
N ASN B 295 -33.30 17.31 -12.06
CA ASN B 295 -33.68 18.58 -12.68
C ASN B 295 -32.89 19.73 -12.08
N ASN B 296 -31.58 19.52 -11.94
CA ASN B 296 -30.71 20.40 -11.16
C ASN B 296 -29.38 20.58 -11.88
N ILE B 297 -29.42 21.07 -13.13
CA ILE B 297 -28.21 21.11 -13.93
C ILE B 297 -27.17 22.03 -13.29
N ASN B 298 -27.62 23.12 -12.67
CA ASN B 298 -26.69 24.03 -12.02
C ASN B 298 -25.96 23.33 -10.87
N GLY B 299 -26.71 22.65 -10.00
CA GLY B 299 -26.06 21.90 -8.94
C GLY B 299 -25.06 20.89 -9.47
N ARG B 300 -25.48 20.10 -10.46
CA ARG B 300 -24.61 19.05 -10.99
C ARG B 300 -23.35 19.65 -11.62
N VAL B 301 -23.45 20.84 -12.21
CA VAL B 301 -22.28 21.48 -12.78
C VAL B 301 -21.27 21.83 -11.69
N LEU B 302 -21.72 22.51 -10.63
CA LEU B 302 -20.83 22.82 -9.53
C LEU B 302 -20.22 21.56 -8.94
N TRP B 303 -21.06 20.53 -8.76
CA TRP B 303 -20.58 19.27 -8.18
C TRP B 303 -19.56 18.61 -9.08
N GLY B 304 -19.84 18.52 -10.38
CA GLY B 304 -18.91 17.86 -11.29
C GLY B 304 -17.59 18.59 -11.42
N GLU B 305 -17.64 19.92 -11.49
CA GLU B 305 -16.41 20.70 -11.56
C GLU B 305 -15.50 20.41 -10.36
N ASN B 306 -16.09 20.26 -9.19
CA ASN B 306 -15.30 20.04 -8.00
C ASN B 306 -14.85 18.60 -7.86
N TYR B 307 -15.71 17.63 -8.20
CA TYR B 307 -15.30 16.23 -8.18
C TYR B 307 -14.06 16.02 -9.03
N LEU B 308 -14.09 16.47 -10.28
CA LEU B 308 -12.97 16.27 -11.19
C LEU B 308 -11.72 17.03 -10.71
N ARG B 309 -11.89 18.26 -10.20
CA ARG B 309 -10.77 19.03 -9.68
C ARG B 309 -10.08 18.28 -8.55
N ILE B 310 -10.88 17.76 -7.61
CA ILE B 310 -10.33 17.05 -6.46
C ILE B 310 -9.66 15.75 -6.91
N ALA B 311 -10.33 14.98 -7.76
CA ALA B 311 -9.75 13.73 -8.24
C ALA B 311 -8.43 13.98 -8.95
N LYS B 312 -8.38 15.01 -9.80
CA LYS B 312 -7.13 15.35 -10.47
C LYS B 312 -6.03 15.73 -9.48
N SER B 313 -6.40 16.35 -8.35
CA SER B 313 -5.39 16.76 -7.39
C SER B 313 -4.68 15.56 -6.75
N TYR B 314 -5.32 14.39 -6.78
CA TYR B 314 -4.75 13.14 -6.29
C TYR B 314 -4.38 12.20 -7.44
N ASN B 315 -4.41 12.70 -8.67
CA ASN B 315 -4.10 11.92 -9.87
C ASN B 315 -4.96 10.66 -9.98
N ILE B 316 -6.25 10.78 -9.67
CA ILE B 316 -7.17 9.64 -9.70
C ILE B 316 -8.07 9.79 -10.91
N ARG B 317 -8.04 8.79 -11.81
CA ARG B 317 -8.94 8.77 -12.95
C ARG B 317 -10.36 8.44 -12.50
N CYS B 318 -11.34 8.94 -13.26
CA CYS B 318 -12.75 8.73 -12.96
C CYS B 318 -13.49 8.25 -14.20
N ILE B 319 -14.52 7.42 -13.98
CA ILE B 319 -15.31 6.81 -15.05
C ILE B 319 -16.78 7.01 -14.72
N TRP B 320 -17.47 7.75 -15.57
CA TRP B 320 -18.88 8.04 -15.34
C TRP B 320 -19.75 6.84 -15.63
N TRP B 321 -20.75 6.61 -14.78
CA TRP B 321 -21.72 5.53 -14.96
C TRP B 321 -22.88 6.07 -15.82
N ASP B 322 -22.94 5.66 -17.10
CA ASP B 322 -23.96 6.16 -18.02
C ASP B 322 -24.92 5.03 -18.36
N ASN B 323 -26.12 5.06 -17.78
CA ASN B 323 -27.12 4.02 -17.99
C ASN B 323 -28.24 4.46 -18.94
N ASN B 324 -28.04 5.56 -19.67
CA ASN B 324 -28.95 6.01 -20.72
C ASN B 324 -30.35 6.34 -20.20
N ALA B 325 -30.48 6.62 -18.90
CA ALA B 325 -31.76 6.95 -18.30
C ALA B 325 -31.78 8.42 -17.89
N PHE B 326 -32.81 9.14 -18.34
CA PHE B 326 -32.84 10.60 -18.18
C PHE B 326 -34.01 11.07 -17.34
N ASP B 327 -35.23 10.73 -17.71
CA ASP B 327 -36.42 11.20 -17.01
C ASP B 327 -37.28 10.03 -16.55
N THR B 328 -36.64 8.90 -16.22
CA THR B 328 -37.38 7.74 -15.77
C THR B 328 -37.70 7.84 -14.28
N SER B 329 -38.48 6.88 -13.80
CA SER B 329 -38.78 6.78 -12.37
C SER B 329 -37.68 6.08 -11.59
N GLY B 330 -36.55 5.80 -12.23
CA GLY B 330 -35.46 5.10 -11.57
C GLY B 330 -34.25 5.97 -11.37
N GLU B 331 -33.06 5.37 -11.52
CA GLU B 331 -31.79 6.07 -11.34
C GLU B 331 -31.37 6.66 -12.68
N ASN B 332 -31.48 7.97 -12.81
CA ASN B 332 -31.26 8.65 -14.08
C ASN B 332 -29.82 9.16 -14.14
N PHE B 333 -28.91 8.30 -14.59
CA PHE B 333 -27.52 8.66 -14.77
C PHE B 333 -27.14 8.86 -16.23
N GLY B 334 -28.11 9.04 -17.12
CA GLY B 334 -27.81 9.21 -18.53
C GLY B 334 -26.97 10.46 -18.77
N LEU B 335 -26.07 10.34 -19.74
CA LEU B 335 -25.21 11.46 -20.15
C LEU B 335 -25.28 11.58 -21.67
N LEU B 336 -24.86 10.52 -22.36
CA LEU B 336 -25.06 10.39 -23.80
C LEU B 336 -26.44 9.80 -24.05
N ASN B 337 -27.23 10.44 -24.91
CA ASN B 337 -28.46 9.81 -25.41
C ASN B 337 -28.08 8.92 -26.59
N ARG B 338 -28.02 7.61 -26.34
CA ARG B 338 -27.50 6.71 -27.36
C ARG B 338 -28.41 6.63 -28.59
N GLY B 339 -29.71 6.81 -28.41
CA GLY B 339 -30.62 6.67 -29.52
C GLY B 339 -30.58 7.83 -30.50
N THR B 340 -30.23 9.02 -30.02
CA THR B 340 -30.09 10.19 -30.87
C THR B 340 -28.63 10.59 -31.11
N LEU B 341 -27.69 9.92 -30.45
CA LEU B 341 -26.28 10.25 -30.52
C LEU B 341 -26.06 11.72 -30.19
N THR B 342 -26.72 12.17 -29.12
CA THR B 342 -26.63 13.55 -28.67
C THR B 342 -26.33 13.59 -27.17
N TRP B 343 -25.44 14.48 -26.76
CA TRP B 343 -25.20 14.70 -25.35
C TRP B 343 -26.40 15.40 -24.74
N GLN B 344 -27.02 14.75 -23.75
CA GLN B 344 -28.27 15.25 -23.20
C GLN B 344 -28.07 16.41 -22.24
N TYR B 345 -26.94 16.45 -21.54
CA TYR B 345 -26.60 17.52 -20.61
C TYR B 345 -25.23 18.07 -20.98
N PRO B 346 -25.15 18.85 -22.06
CA PRO B 346 -23.81 19.32 -22.52
C PRO B 346 -23.09 20.19 -21.50
N GLU B 347 -23.84 20.94 -20.68
CA GLU B 347 -23.22 21.76 -19.64
C GLU B 347 -22.48 20.89 -18.62
N LEU B 348 -22.99 19.69 -18.35
CA LEU B 348 -22.36 18.78 -17.40
C LEU B 348 -21.16 18.07 -18.03
N LEU B 349 -21.28 17.65 -19.29
CA LEU B 349 -20.11 17.15 -19.99
C LEU B 349 -18.97 18.14 -19.91
N GLU B 350 -19.25 19.41 -20.23
CA GLU B 350 -18.21 20.43 -20.25
C GLU B 350 -17.66 20.66 -18.85
N ALA B 351 -18.52 20.61 -17.84
CA ALA B 351 -18.05 20.77 -16.46
C ALA B 351 -17.02 19.72 -16.09
N MET B 352 -17.13 18.50 -16.65
CA MET B 352 -16.23 17.41 -16.30
CA MET B 352 -16.21 17.43 -16.29
C MET B 352 -15.05 17.28 -17.27
N MET B 353 -15.10 17.94 -18.42
CA MET B 353 -14.00 17.88 -19.38
C MET B 353 -13.01 19.03 -19.23
N LYS B 354 -13.42 20.14 -18.67
CA LYS B 354 -12.55 21.31 -18.50
C LYS B 354 -11.49 21.10 -17.44
#